data_9IMB
#
_entry.id   9IMB
#
_cell.length_a   61.814
_cell.length_b   72.441
_cell.length_c   77.150
_cell.angle_alpha   62.48
_cell.angle_beta   83.38
_cell.angle_gamma   69.62
#
_symmetry.space_group_name_H-M   'P 1'
#
loop_
_entity.id
_entity.type
_entity.pdbx_description
1 polymer 'tRNA (cytosine(72)-C(5))-methyltransferase NSUN6'
2 polymer "RNA (5'-R(*GP*CP*CP*CP*UP*CP*UP*UP*CP*AP*UP*CP*UP*CP*CP*AP*AP*AP*GP*AP*GP*GP*GP*C)-3')"
3 non-polymer SINEFUNGIN
4 water water
#
loop_
_entity_poly.entity_id
_entity_poly.type
_entity_poly.pdbx_seq_one_letter_code
_entity_poly.pdbx_strand_id
1 'polypeptide(L)'
;MSIFPKISLRPEVENYLKEGFMNKEIVTALGKQEAERKFETLLKHLSHPPSFTTVRVNTHLASVQHVKNLLLDELQKQFN
GLSVPILQHPDLQDVLLIPVIGPRKNIKKQQCEAIVGAQCGNAVLRGAHVYAPGIVSASQFMKAGDVISVYSDIKGKCKK
GAKEFDGTKVFLGNGISELSRKEIFSGLPELKGMGIRMTEPVYLSPSFDSVLPRYLFLQNLPSALVSHVLNPQPGEKILD
LCAAPGGKTTHIAALMHDQGEVIALDKIFNKVEKIKQNALLLGLNSIRAFCFDGTKAVKLDMVEDTEGEPPFLPESFDRI
LLDAPCSGMGQRPNMACTWSVKEVASYQPLQRKLFTAAVQLLKPEGVLVYSTCTITLAENEEQVAWALTKFPCLQLQPQE
PQIGGEGMRGAGLSCEQLKQLQRFDPSAVPLPDTDMDSLREARREDMLRLANKDSIGFFIAKFVKCKST
;
B,A
2 'polyribonucleotide' GCCCUCUUCAUCUCCAAAGAGGGC D,C
#
loop_
_chem_comp.id
_chem_comp.type
_chem_comp.name
_chem_comp.formula
A RNA linking ADENOSINE-5'-MONOPHOSPHATE 'C10 H14 N5 O7 P'
C RNA linking CYTIDINE-5'-MONOPHOSPHATE 'C9 H14 N3 O8 P'
G RNA linking GUANOSINE-5'-MONOPHOSPHATE 'C10 H14 N5 O8 P'
SFG non-polymer SINEFUNGIN 'C15 H23 N7 O5'
U RNA linking URIDINE-5'-MONOPHOSPHATE 'C9 H13 N2 O9 P'
#
# COMPACT_ATOMS: atom_id res chain seq x y z
N SER A 2 2.32 21.08 -23.97
CA SER A 2 2.33 22.35 -24.70
C SER A 2 1.75 23.48 -23.86
N ILE A 3 0.42 23.57 -23.85
CA ILE A 3 -0.25 24.71 -23.20
C ILE A 3 -0.46 24.50 -21.70
N PHE A 4 -0.68 23.26 -21.26
CA PHE A 4 -1.03 23.05 -19.87
C PHE A 4 0.14 22.41 -19.11
N PRO A 5 0.29 22.73 -17.83
CA PRO A 5 1.35 22.10 -17.03
C PRO A 5 1.05 20.63 -16.79
N LYS A 6 2.02 19.95 -16.17
CA LYS A 6 1.89 18.54 -15.89
C LYS A 6 0.72 18.29 -14.94
N ILE A 7 0.28 17.03 -14.90
CA ILE A 7 -0.84 16.66 -14.04
C ILE A 7 -0.45 16.83 -12.58
N SER A 8 -1.23 17.61 -11.84
CA SER A 8 -0.93 17.90 -10.45
C SER A 8 -1.19 16.66 -9.61
N LEU A 9 -0.13 16.01 -9.17
CA LEU A 9 -0.21 14.83 -8.33
C LEU A 9 0.43 15.12 -6.97
N ARG A 10 -0.13 14.49 -5.93
CA ARG A 10 0.49 14.59 -4.62
C ARG A 10 1.90 14.00 -4.67
N PRO A 11 2.82 14.52 -3.87
CA PRO A 11 4.20 14.02 -3.93
C PRO A 11 4.32 12.53 -3.64
N GLU A 12 3.37 11.95 -2.90
CA GLU A 12 3.42 10.51 -2.65
C GLU A 12 3.02 9.71 -3.89
N VAL A 13 1.94 10.11 -4.56
CA VAL A 13 1.44 9.33 -5.68
C VAL A 13 2.32 9.51 -6.91
N GLU A 14 2.85 10.73 -7.12
CA GLU A 14 3.66 10.98 -8.30
C GLU A 14 4.92 10.12 -8.32
N ASN A 15 5.50 9.85 -7.16
CA ASN A 15 6.65 8.96 -7.10
C ASN A 15 6.24 7.49 -7.13
N TYR A 16 5.02 7.18 -6.67
CA TYR A 16 4.53 5.80 -6.79
C TYR A 16 4.45 5.38 -8.25
N LEU A 17 4.00 6.28 -9.12
CA LEU A 17 4.03 6.01 -10.55
C LEU A 17 5.47 5.96 -11.06
N LYS A 18 6.32 6.87 -10.60
CA LYS A 18 7.70 6.89 -11.06
C LYS A 18 8.42 5.59 -10.69
N GLU A 19 8.22 5.10 -9.48
CA GLU A 19 8.86 3.86 -9.05
C GLU A 19 8.51 2.70 -9.97
N GLY A 20 7.26 2.68 -10.46
CA GLY A 20 6.87 1.65 -11.41
C GLY A 20 7.38 1.89 -12.81
N PHE A 21 7.54 3.15 -13.21
CA PHE A 21 8.01 3.50 -14.54
C PHE A 21 9.53 3.54 -14.64
N MET A 22 10.25 3.41 -13.53
CA MET A 22 11.71 3.36 -13.53
C MET A 22 12.21 2.05 -12.92
N ASN A 23 11.45 0.98 -13.09
CA ASN A 23 11.83 -0.32 -12.56
C ASN A 23 13.09 -0.83 -13.26
N LYS A 24 13.67 -1.89 -12.69
CA LYS A 24 14.92 -2.42 -13.22
C LYS A 24 14.77 -2.98 -14.63
N GLU A 25 13.56 -3.42 -15.00
CA GLU A 25 13.36 -3.98 -16.33
C GLU A 25 13.33 -2.91 -17.41
N ILE A 26 12.81 -1.72 -17.10
CA ILE A 26 12.66 -0.70 -18.12
C ILE A 26 13.95 0.11 -18.27
N VAL A 27 14.62 0.43 -17.17
CA VAL A 27 15.86 1.21 -17.24
C VAL A 27 17.03 0.41 -17.78
N THR A 28 16.87 -0.91 -17.91
CA THR A 28 17.89 -1.73 -18.55
C THR A 28 17.71 -1.78 -20.06
N ALA A 29 16.46 -1.83 -20.53
CA ALA A 29 16.20 -1.78 -21.98
C ALA A 29 16.55 -0.41 -22.55
N LEU A 30 15.95 0.64 -22.00
CA LEU A 30 16.28 2.01 -22.36
C LEU A 30 17.38 2.52 -21.42
N GLY A 31 17.61 3.83 -21.44
CA GLY A 31 18.56 4.45 -20.55
C GLY A 31 17.90 5.03 -19.32
N LYS A 32 18.71 5.24 -18.27
CA LYS A 32 18.19 5.85 -17.06
C LYS A 32 17.72 7.28 -17.32
N GLN A 33 18.44 8.01 -18.19
CA GLN A 33 17.97 9.33 -18.59
C GLN A 33 16.79 9.25 -19.53
N GLU A 34 16.75 8.23 -20.40
CA GLU A 34 15.65 8.06 -21.34
C GLU A 34 14.41 7.46 -20.70
N ALA A 35 14.53 6.87 -19.50
CA ALA A 35 13.36 6.33 -18.83
C ALA A 35 12.55 7.42 -18.13
N GLU A 36 13.23 8.37 -17.49
CA GLU A 36 12.53 9.48 -16.86
C GLU A 36 11.93 10.42 -17.88
N ARG A 37 12.59 10.59 -19.03
CA ARG A 37 12.06 11.47 -20.07
C ARG A 37 10.70 10.99 -20.56
N LYS A 38 10.55 9.68 -20.76
CA LYS A 38 9.27 9.15 -21.18
C LYS A 38 8.22 9.22 -20.07
N PHE A 39 8.67 9.23 -18.81
CA PHE A 39 7.73 9.32 -17.71
C PHE A 39 7.24 10.75 -17.49
N GLU A 40 8.16 11.72 -17.51
CA GLU A 40 7.76 13.12 -17.37
C GLU A 40 7.03 13.63 -18.60
N THR A 41 7.26 13.04 -19.77
CA THR A 41 6.44 13.36 -20.94
C THR A 41 5.02 12.82 -20.78
N LEU A 42 4.88 11.64 -20.17
CA LEU A 42 3.56 11.11 -19.88
C LEU A 42 2.79 12.02 -18.95
N LEU A 43 3.45 12.55 -17.92
CA LEU A 43 2.79 13.46 -16.99
C LEU A 43 2.34 14.74 -17.68
N LYS A 44 3.07 15.18 -18.71
CA LYS A 44 2.69 16.37 -19.45
C LYS A 44 1.54 16.12 -20.41
N HIS A 45 1.32 14.87 -20.83
CA HIS A 45 0.29 14.57 -21.82
C HIS A 45 -1.06 14.27 -21.19
N LEU A 46 -1.08 13.76 -19.96
CA LEU A 46 -2.36 13.48 -19.30
C LEU A 46 -3.17 14.74 -19.05
N SER A 47 -2.54 15.90 -19.02
CA SER A 47 -3.27 17.16 -18.85
C SER A 47 -3.99 17.61 -20.11
N HIS A 48 -3.57 17.12 -21.29
CA HIS A 48 -4.13 17.56 -22.55
C HIS A 48 -5.19 16.59 -23.04
N PRO A 49 -6.17 17.07 -23.80
CA PRO A 49 -7.18 16.16 -24.37
C PRO A 49 -6.60 15.37 -25.52
N PRO A 50 -7.21 14.24 -25.87
CA PRO A 50 -6.82 13.54 -27.10
C PRO A 50 -7.06 14.42 -28.32
N SER A 51 -6.16 14.32 -29.29
CA SER A 51 -6.24 15.15 -30.49
C SER A 51 -7.38 14.75 -31.42
N PHE A 52 -8.22 13.78 -31.04
CA PHE A 52 -9.31 13.34 -31.87
C PHE A 52 -10.55 13.10 -31.03
N THR A 53 -11.71 13.42 -31.59
CA THR A 53 -12.98 12.98 -31.04
C THR A 53 -13.39 11.69 -31.72
N THR A 54 -13.77 10.69 -30.93
CA THR A 54 -14.11 9.37 -31.44
C THR A 54 -15.56 9.06 -31.06
N VAL A 55 -16.36 8.73 -32.07
CA VAL A 55 -17.76 8.36 -31.88
C VAL A 55 -17.97 6.96 -32.43
N ARG A 56 -18.80 6.19 -31.76
CA ARG A 56 -19.16 4.85 -32.23
C ARG A 56 -20.57 4.89 -32.81
N VAL A 57 -20.70 4.44 -34.04
CA VAL A 57 -22.00 4.38 -34.71
C VAL A 57 -22.74 3.14 -34.27
N ASN A 58 -23.98 3.32 -33.81
CA ASN A 58 -24.84 2.20 -33.46
C ASN A 58 -25.35 1.57 -34.74
N THR A 59 -24.65 0.54 -35.21
CA THR A 59 -24.96 -0.08 -36.49
C THR A 59 -26.28 -0.84 -36.48
N HIS A 60 -26.89 -1.04 -35.32
CA HIS A 60 -28.18 -1.73 -35.24
C HIS A 60 -29.36 -0.84 -35.61
N LEU A 61 -29.17 0.47 -35.71
CA LEU A 61 -30.22 1.38 -36.10
C LEU A 61 -29.89 2.27 -37.30
N ALA A 62 -28.60 2.50 -37.57
CA ALA A 62 -28.20 3.32 -38.70
C ALA A 62 -26.82 2.90 -39.16
N SER A 63 -26.47 3.29 -40.38
CA SER A 63 -25.20 2.92 -40.98
C SER A 63 -24.12 3.93 -40.65
N VAL A 64 -22.86 3.48 -40.77
CA VAL A 64 -21.73 4.40 -40.64
C VAL A 64 -21.79 5.47 -41.72
N GLN A 65 -22.19 5.08 -42.93
CA GLN A 65 -22.38 6.05 -44.00
C GLN A 65 -23.54 7.00 -43.72
N HIS A 66 -24.59 6.51 -43.05
CA HIS A 66 -25.73 7.37 -42.75
C HIS A 66 -25.46 8.32 -41.61
N VAL A 67 -24.75 7.87 -40.57
CA VAL A 67 -24.48 8.74 -39.43
C VAL A 67 -23.38 9.74 -39.75
N LYS A 68 -22.40 9.35 -40.58
CA LYS A 68 -21.35 10.29 -40.95
C LYS A 68 -21.92 11.49 -41.71
N ASN A 69 -22.85 11.24 -42.64
CA ASN A 69 -23.47 12.34 -43.37
C ASN A 69 -24.29 13.22 -42.45
N LEU A 70 -25.05 12.62 -41.53
CA LEU A 70 -25.81 13.41 -40.57
C LEU A 70 -24.90 14.20 -39.65
N LEU A 71 -23.75 13.64 -39.28
CA LEU A 71 -22.79 14.38 -38.46
C LEU A 71 -22.20 15.56 -39.21
N LEU A 72 -21.96 15.41 -40.51
CA LEU A 72 -21.51 16.53 -41.32
C LEU A 72 -22.54 17.64 -41.34
N ASP A 73 -23.82 17.28 -41.42
CA ASP A 73 -24.88 18.28 -41.31
C ASP A 73 -24.87 18.96 -39.96
N GLU A 74 -24.67 18.19 -38.88
CA GLU A 74 -24.64 18.78 -37.54
C GLU A 74 -23.36 19.61 -37.32
N LEU A 75 -22.24 19.17 -37.89
CA LEU A 75 -20.99 19.87 -37.67
C LEU A 75 -20.99 21.24 -38.31
N GLN A 76 -21.61 21.38 -39.48
CA GLN A 76 -21.67 22.69 -40.12
C GLN A 76 -22.57 23.65 -39.35
N LYS A 77 -23.65 23.14 -38.75
CA LYS A 77 -24.52 23.99 -37.95
C LYS A 77 -23.82 24.48 -36.69
N GLN A 78 -23.07 23.59 -36.03
CA GLN A 78 -22.38 23.99 -34.80
C GLN A 78 -21.19 24.90 -35.11
N PHE A 79 -20.47 24.62 -36.19
CA PHE A 79 -19.25 25.37 -36.52
C PHE A 79 -19.49 26.51 -37.50
N ASN A 80 -20.74 26.71 -37.93
CA ASN A 80 -21.14 27.87 -38.75
C ASN A 80 -20.33 27.98 -40.04
N GLY A 81 -20.33 26.89 -40.82
CA GLY A 81 -19.68 26.83 -42.12
C GLY A 81 -18.30 26.24 -42.06
N LEU A 82 -17.67 26.26 -40.88
CA LEU A 82 -16.33 25.74 -40.68
C LEU A 82 -16.34 24.22 -40.86
N SER A 83 -15.54 23.71 -41.79
CA SER A 83 -15.60 22.31 -42.20
C SER A 83 -14.39 21.54 -41.65
N VAL A 84 -14.63 20.77 -40.59
CA VAL A 84 -13.64 19.85 -40.04
C VAL A 84 -13.97 18.45 -40.54
N PRO A 85 -13.00 17.69 -41.04
CA PRO A 85 -13.31 16.38 -41.64
C PRO A 85 -13.76 15.37 -40.59
N ILE A 86 -14.42 14.32 -41.10
CA ILE A 86 -14.88 13.21 -40.28
C ILE A 86 -14.33 11.94 -40.92
N LEU A 87 -13.25 11.40 -40.34
CA LEU A 87 -12.63 10.20 -40.87
C LEU A 87 -13.32 8.96 -40.36
N GLN A 88 -13.09 7.85 -41.07
CA GLN A 88 -13.56 6.53 -40.65
C GLN A 88 -12.37 5.61 -40.45
N HIS A 89 -12.31 4.96 -39.29
CA HIS A 89 -11.16 4.13 -38.97
C HIS A 89 -11.14 2.89 -39.87
N PRO A 90 -10.01 2.60 -40.52
CA PRO A 90 -9.96 1.41 -41.39
C PRO A 90 -9.93 0.10 -40.63
N ASP A 91 -9.58 0.11 -39.35
CA ASP A 91 -9.53 -1.10 -38.54
C ASP A 91 -10.76 -1.27 -37.65
N LEU A 92 -11.39 -0.18 -37.23
CA LEU A 92 -12.63 -0.20 -36.46
C LEU A 92 -13.75 0.33 -37.35
N GLN A 93 -14.62 -0.56 -37.81
CA GLN A 93 -15.58 -0.22 -38.85
C GLN A 93 -16.67 0.73 -38.37
N ASP A 94 -16.96 0.77 -37.07
CA ASP A 94 -18.08 1.54 -36.55
C ASP A 94 -17.66 2.81 -35.84
N VAL A 95 -16.40 3.23 -35.97
CA VAL A 95 -15.87 4.38 -35.25
C VAL A 95 -15.52 5.48 -36.26
N LEU A 96 -15.97 6.69 -35.98
CA LEU A 96 -15.67 7.86 -36.80
C LEU A 96 -14.72 8.77 -36.03
N LEU A 97 -13.77 9.36 -36.76
CA LEU A 97 -12.75 10.21 -36.16
C LEU A 97 -13.01 11.67 -36.52
N ILE A 98 -13.03 12.53 -35.50
CA ILE A 98 -13.19 13.97 -35.70
C ILE A 98 -12.02 14.68 -35.04
N PRO A 99 -11.11 15.26 -35.82
CA PRO A 99 -9.92 15.91 -35.23
C PRO A 99 -10.29 17.13 -34.40
N VAL A 100 -9.49 17.35 -33.35
CA VAL A 100 -9.67 18.47 -32.43
C VAL A 100 -8.88 19.66 -32.95
N ILE A 101 -9.47 20.85 -32.85
CA ILE A 101 -8.81 22.09 -33.26
C ILE A 101 -8.31 22.78 -32.00
N GLY A 102 -6.99 22.74 -31.79
CA GLY A 102 -6.38 23.35 -30.64
C GLY A 102 -4.95 22.91 -30.45
N PRO A 103 -4.27 23.45 -29.42
CA PRO A 103 -4.83 24.44 -28.50
C PRO A 103 -4.70 25.88 -29.00
N ARG A 104 -5.76 26.66 -28.82
CA ARG A 104 -5.73 28.08 -29.15
C ARG A 104 -5.15 28.86 -27.98
N LYS A 105 -4.13 29.67 -28.26
CA LYS A 105 -3.39 30.37 -27.21
C LYS A 105 -3.51 31.88 -27.27
N ASN A 106 -4.20 32.44 -28.27
CA ASN A 106 -4.34 33.87 -28.43
C ASN A 106 -5.69 34.39 -27.94
N ILE A 107 -6.37 33.62 -27.09
CA ILE A 107 -7.71 33.97 -26.64
C ILE A 107 -7.61 35.03 -25.55
N LYS A 108 -8.28 36.16 -25.76
CA LYS A 108 -8.26 37.25 -24.79
C LYS A 108 -9.16 36.90 -23.60
N LYS A 109 -8.61 37.03 -22.40
CA LYS A 109 -9.34 36.70 -21.19
C LYS A 109 -10.26 37.84 -20.78
N GLN A 110 -11.48 37.49 -20.37
CA GLN A 110 -12.45 38.46 -19.91
C GLN A 110 -12.36 38.66 -18.41
N GLN A 111 -12.88 39.80 -17.95
CA GLN A 111 -12.92 40.07 -16.52
C GLN A 111 -14.03 39.28 -15.82
N CYS A 112 -15.14 39.04 -16.52
CA CYS A 112 -16.17 38.16 -15.98
C CYS A 112 -15.67 36.72 -15.99
N GLU A 113 -15.87 36.02 -14.87
CA GLU A 113 -15.28 34.70 -14.67
C GLU A 113 -16.35 33.69 -14.26
N ALA A 114 -16.03 32.41 -14.48
CA ALA A 114 -16.80 31.31 -13.95
C ALA A 114 -15.86 30.15 -13.64
N ILE A 115 -16.10 29.48 -12.53
CA ILE A 115 -15.36 28.29 -12.14
C ILE A 115 -16.31 27.10 -12.27
N VAL A 116 -15.81 26.02 -12.86
CA VAL A 116 -16.59 24.81 -13.06
C VAL A 116 -15.87 23.65 -12.40
N GLY A 117 -16.62 22.56 -12.19
CA GLY A 117 -16.04 21.38 -11.59
C GLY A 117 -14.96 20.77 -12.47
N ALA A 118 -14.04 20.04 -11.83
CA ALA A 118 -12.91 19.48 -12.55
C ALA A 118 -13.37 18.54 -13.66
N GLN A 119 -14.33 17.67 -13.36
CA GLN A 119 -14.86 16.77 -14.39
C GLN A 119 -15.65 17.52 -15.45
N CYS A 120 -16.37 18.58 -15.05
CA CYS A 120 -17.02 19.43 -16.04
C CYS A 120 -15.99 20.16 -16.89
N GLY A 121 -14.87 20.57 -16.28
CA GLY A 121 -13.80 21.20 -17.03
C GLY A 121 -13.22 20.29 -18.09
N ASN A 122 -13.14 18.98 -17.80
CA ASN A 122 -12.65 18.03 -18.79
C ASN A 122 -13.60 17.97 -19.99
N ALA A 123 -14.91 17.87 -19.73
CA ALA A 123 -15.88 17.79 -20.83
C ALA A 123 -15.82 19.02 -21.71
N VAL A 124 -15.55 20.19 -21.14
CA VAL A 124 -15.40 21.41 -21.94
C VAL A 124 -14.24 21.25 -22.92
N LEU A 125 -13.10 20.75 -22.43
CA LEU A 125 -11.96 20.51 -23.28
C LEU A 125 -12.21 19.41 -24.30
N ARG A 126 -13.27 18.64 -24.15
CA ARG A 126 -13.64 17.59 -25.09
C ARG A 126 -14.78 18.01 -26.01
N GLY A 127 -15.19 19.27 -25.98
CA GLY A 127 -16.21 19.79 -26.89
C GLY A 127 -17.55 20.05 -26.26
N ALA A 128 -17.72 19.81 -24.96
CA ALA A 128 -19.02 20.01 -24.33
C ALA A 128 -19.22 21.48 -23.95
N HIS A 129 -20.49 21.86 -23.83
CA HIS A 129 -20.85 23.14 -23.25
C HIS A 129 -20.93 23.00 -21.73
N VAL A 130 -21.13 24.13 -21.05
CA VAL A 130 -21.22 24.18 -19.60
C VAL A 130 -22.69 24.24 -19.22
N TYR A 131 -23.24 23.13 -18.72
CA TYR A 131 -24.62 23.06 -18.29
C TYR A 131 -24.72 23.44 -16.81
N ALA A 132 -25.96 23.64 -16.36
CA ALA A 132 -26.22 24.27 -15.07
C ALA A 132 -25.55 23.59 -13.88
N PRO A 133 -25.64 22.28 -13.69
CA PRO A 133 -25.01 21.65 -12.52
C PRO A 133 -23.50 21.52 -12.59
N GLY A 134 -22.85 22.18 -13.55
CA GLY A 134 -21.40 22.12 -13.65
C GLY A 134 -20.69 23.37 -13.15
N ILE A 135 -21.42 24.47 -13.02
CA ILE A 135 -20.84 25.73 -12.56
C ILE A 135 -20.73 25.69 -11.05
N VAL A 136 -19.54 25.99 -10.54
CA VAL A 136 -19.29 26.00 -9.11
C VAL A 136 -19.16 27.41 -8.55
N SER A 137 -18.93 28.42 -9.39
CA SER A 137 -18.83 29.80 -8.95
C SER A 137 -18.83 30.71 -10.17
N ALA A 138 -19.34 31.92 -10.00
CA ALA A 138 -19.36 32.91 -11.06
C ALA A 138 -19.15 34.29 -10.44
N SER A 139 -18.87 35.27 -11.30
CA SER A 139 -18.67 36.63 -10.84
C SER A 139 -19.93 37.15 -10.17
N GLN A 140 -19.75 37.95 -9.11
CA GLN A 140 -20.87 38.53 -8.40
C GLN A 140 -21.71 39.39 -9.35
N PHE A 141 -22.99 39.05 -9.47
CA PHE A 141 -23.91 39.69 -10.41
C PHE A 141 -23.40 39.52 -11.85
N MET A 142 -23.30 38.26 -12.27
CA MET A 142 -22.92 37.94 -13.64
C MET A 142 -24.13 38.07 -14.55
N LYS A 143 -24.05 38.97 -15.53
CA LYS A 143 -25.20 39.25 -16.38
C LYS A 143 -25.45 38.10 -17.33
N ALA A 144 -26.70 37.64 -17.39
CA ALA A 144 -27.11 36.61 -18.33
C ALA A 144 -26.99 37.12 -19.76
N GLY A 145 -26.07 36.56 -20.52
CA GLY A 145 -25.83 36.99 -21.89
C GLY A 145 -24.50 37.69 -22.12
N ASP A 146 -23.62 37.75 -21.13
CA ASP A 146 -22.32 38.37 -21.27
C ASP A 146 -21.26 37.32 -21.60
N VAL A 147 -20.20 37.76 -22.27
CA VAL A 147 -19.10 36.87 -22.59
C VAL A 147 -18.27 36.63 -21.33
N ILE A 148 -18.04 35.36 -21.01
CA ILE A 148 -17.54 34.96 -19.71
C ILE A 148 -16.37 34.00 -19.87
N SER A 149 -15.36 34.14 -19.00
CA SER A 149 -14.18 33.29 -19.03
C SER A 149 -14.38 32.11 -18.09
N VAL A 150 -14.25 30.90 -18.63
CA VAL A 150 -14.52 29.67 -17.88
C VAL A 150 -13.19 29.09 -17.41
N TYR A 151 -13.14 28.72 -16.13
CA TYR A 151 -11.96 28.09 -15.54
C TYR A 151 -12.39 26.82 -14.82
N SER A 152 -11.50 25.83 -14.81
CA SER A 152 -11.77 24.53 -14.21
C SER A 152 -11.12 24.46 -12.83
N ASP A 153 -11.93 24.18 -11.82
CA ASP A 153 -11.41 23.94 -10.47
C ASP A 153 -10.85 22.53 -10.42
N ILE A 154 -9.59 22.40 -10.83
CA ILE A 154 -8.99 21.08 -11.01
C ILE A 154 -8.72 20.40 -9.67
N LYS A 155 -8.37 21.19 -8.65
CA LYS A 155 -8.22 20.63 -7.31
C LYS A 155 -9.54 20.31 -6.65
N GLY A 156 -10.65 20.81 -7.20
CA GLY A 156 -11.96 20.58 -6.60
C GLY A 156 -12.10 21.18 -5.21
N LYS A 157 -11.47 22.33 -4.98
CA LYS A 157 -11.43 22.94 -3.66
C LYS A 157 -12.37 24.14 -3.52
N CYS A 158 -13.01 24.58 -4.60
CA CYS A 158 -13.89 25.74 -4.55
C CYS A 158 -15.28 25.30 -4.10
N LYS A 159 -15.78 25.91 -3.03
CA LYS A 159 -17.12 25.60 -2.56
C LYS A 159 -18.17 26.11 -3.55
N LYS A 160 -19.35 25.52 -3.50
CA LYS A 160 -20.42 25.90 -4.41
C LYS A 160 -20.92 27.30 -4.08
N GLY A 161 -21.00 28.14 -5.11
CA GLY A 161 -21.48 29.50 -4.93
C GLY A 161 -20.48 30.46 -4.34
N ALA A 162 -19.19 30.15 -4.37
CA ALA A 162 -18.19 31.02 -3.80
C ALA A 162 -18.09 32.31 -4.60
N LYS A 163 -18.06 33.44 -3.89
CA LYS A 163 -17.96 34.73 -4.56
C LYS A 163 -16.62 34.92 -5.26
N GLU A 164 -15.55 34.38 -4.68
CA GLU A 164 -14.22 34.45 -5.27
C GLU A 164 -13.55 33.08 -5.12
N PHE A 165 -12.48 32.88 -5.88
CA PHE A 165 -11.71 31.64 -5.81
C PHE A 165 -10.27 31.94 -6.23
N ASP A 166 -9.34 31.82 -5.27
CA ASP A 166 -7.93 32.07 -5.52
C ASP A 166 -7.15 30.81 -5.85
N GLY A 167 -7.75 29.63 -5.68
CA GLY A 167 -7.05 28.38 -5.86
C GLY A 167 -6.66 28.13 -7.30
N THR A 168 -6.06 26.95 -7.52
CA THR A 168 -5.55 26.58 -8.83
C THR A 168 -6.71 26.40 -9.80
N LYS A 169 -6.77 27.27 -10.81
CA LYS A 169 -7.76 27.18 -11.87
C LYS A 169 -7.04 27.31 -13.20
N VAL A 170 -7.59 26.65 -14.23
CA VAL A 170 -6.98 26.60 -15.54
C VAL A 170 -7.99 27.09 -16.58
N PHE A 171 -7.51 27.91 -17.51
CA PHE A 171 -8.37 28.55 -18.49
C PHE A 171 -8.92 27.52 -19.48
N LEU A 172 -10.24 27.55 -19.68
CA LEU A 172 -10.90 26.64 -20.60
C LEU A 172 -11.46 27.33 -21.85
N GLY A 173 -11.43 28.65 -21.91
CA GLY A 173 -11.96 29.39 -23.03
C GLY A 173 -13.03 30.37 -22.57
N ASN A 174 -13.69 30.98 -23.55
CA ASN A 174 -14.74 31.94 -23.30
C ASN A 174 -16.03 31.51 -23.98
N GLY A 175 -17.12 32.16 -23.60
CA GLY A 175 -18.42 31.91 -24.18
C GLY A 175 -19.41 32.91 -23.62
N ILE A 176 -20.63 32.87 -24.15
CA ILE A 176 -21.72 33.70 -23.67
C ILE A 176 -22.60 32.86 -22.76
N SER A 177 -23.07 33.47 -21.68
CA SER A 177 -23.80 32.75 -20.64
C SER A 177 -25.30 32.73 -20.93
N GLU A 178 -25.93 31.60 -20.65
CA GLU A 178 -27.37 31.45 -20.84
C GLU A 178 -28.16 32.03 -19.68
N LEU A 179 -27.64 31.93 -18.46
CA LEU A 179 -28.36 32.28 -17.25
C LEU A 179 -27.51 33.21 -16.41
N SER A 180 -28.16 33.86 -15.46
CA SER A 180 -27.51 34.78 -14.54
C SER A 180 -26.93 34.01 -13.34
N ARG A 181 -26.13 34.72 -12.54
CA ARG A 181 -25.59 34.12 -11.32
C ARG A 181 -26.69 33.93 -10.27
N LYS A 182 -27.63 34.88 -10.20
CA LYS A 182 -28.73 34.74 -9.24
C LYS A 182 -29.62 33.55 -9.59
N GLU A 183 -29.82 33.28 -10.88
CA GLU A 183 -30.60 32.14 -11.29
C GLU A 183 -29.88 30.82 -11.04
N ILE A 184 -28.55 30.84 -10.95
CA ILE A 184 -27.80 29.61 -10.70
C ILE A 184 -27.82 29.26 -9.22
N PHE A 185 -27.39 30.20 -8.38
CA PHE A 185 -27.35 29.97 -6.94
C PHE A 185 -28.52 30.66 -6.24
N LEU A 191 -31.49 22.40 -10.58
CA LEU A 191 -31.55 23.22 -11.79
C LEU A 191 -30.86 22.54 -12.96
N LYS A 192 -31.51 22.59 -14.13
CA LYS A 192 -30.97 22.01 -15.35
C LYS A 192 -31.05 23.05 -16.47
N GLY A 193 -30.49 22.69 -17.62
CA GLY A 193 -30.50 23.53 -18.79
C GLY A 193 -29.10 23.98 -19.16
N MET A 194 -29.05 24.86 -20.17
CA MET A 194 -27.80 25.41 -20.66
C MET A 194 -27.33 26.54 -19.76
N GLY A 195 -26.08 26.46 -19.31
CA GLY A 195 -25.51 27.51 -18.48
C GLY A 195 -24.60 28.47 -19.20
N ILE A 196 -23.60 27.95 -19.90
CA ILE A 196 -22.60 28.75 -20.60
C ILE A 196 -22.34 28.10 -21.95
N ARG A 197 -22.73 28.77 -23.02
CA ARG A 197 -22.46 28.29 -24.38
C ARG A 197 -21.03 28.67 -24.76
N MET A 198 -20.18 27.67 -24.96
CA MET A 198 -18.77 27.91 -25.28
C MET A 198 -18.67 28.37 -26.73
N THR A 199 -18.49 29.69 -26.92
CA THR A 199 -18.33 30.25 -28.25
C THR A 199 -16.87 30.31 -28.69
N GLU A 200 -15.92 30.20 -27.77
CA GLU A 200 -14.50 30.23 -28.10
C GLU A 200 -13.73 29.35 -27.11
N PRO A 201 -13.78 28.04 -27.29
CA PRO A 201 -13.02 27.16 -26.41
C PRO A 201 -11.57 27.02 -26.84
N VAL A 202 -10.72 26.70 -25.88
CA VAL A 202 -9.30 26.49 -26.18
C VAL A 202 -9.13 25.31 -27.14
N TYR A 203 -9.90 24.25 -26.94
CA TYR A 203 -9.94 23.12 -27.85
C TYR A 203 -11.32 23.06 -28.49
N LEU A 204 -11.37 23.02 -29.82
CA LEU A 204 -12.62 23.03 -30.55
C LEU A 204 -12.99 21.61 -30.97
N SER A 205 -14.15 21.15 -30.52
CA SER A 205 -14.67 19.84 -30.86
C SER A 205 -16.18 19.88 -30.73
N PRO A 206 -16.92 19.04 -31.44
CA PRO A 206 -18.37 19.15 -31.47
C PRO A 206 -19.00 18.85 -30.11
N SER A 207 -20.18 19.43 -29.90
CA SER A 207 -21.02 19.09 -28.76
C SER A 207 -21.87 17.88 -29.11
N PHE A 208 -21.89 16.89 -28.23
CA PHE A 208 -22.57 15.63 -28.47
C PHE A 208 -23.62 15.35 -27.40
N ASP A 209 -24.24 16.39 -26.84
CA ASP A 209 -25.17 16.21 -25.73
C ASP A 209 -26.36 15.34 -26.14
N SER A 210 -27.16 15.83 -27.10
CA SER A 210 -28.34 15.13 -27.58
C SER A 210 -28.37 15.15 -29.11
N VAL A 211 -27.24 14.80 -29.72
CA VAL A 211 -27.07 14.91 -31.16
C VAL A 211 -27.93 13.87 -31.89
N LEU A 212 -27.61 12.60 -31.68
CA LEU A 212 -28.34 11.48 -32.29
C LEU A 212 -28.35 10.35 -31.27
N PRO A 213 -29.22 10.44 -30.27
CA PRO A 213 -29.13 9.51 -29.13
C PRO A 213 -29.26 8.05 -29.52
N ARG A 214 -29.99 7.74 -30.59
CA ARG A 214 -30.18 6.36 -31.02
C ARG A 214 -29.15 5.88 -32.02
N TYR A 215 -28.32 6.79 -32.56
CA TYR A 215 -27.35 6.41 -33.59
C TYR A 215 -25.91 6.48 -33.13
N LEU A 216 -25.61 7.26 -32.10
CA LEU A 216 -24.23 7.54 -31.70
C LEU A 216 -23.98 7.08 -30.27
N PHE A 217 -22.69 6.96 -29.95
CA PHE A 217 -22.24 6.74 -28.58
C PHE A 217 -20.81 7.25 -28.49
N LEU A 218 -20.60 8.35 -27.78
CA LEU A 218 -19.29 8.97 -27.72
C LEU A 218 -18.38 8.13 -26.83
N GLN A 219 -17.40 7.48 -27.47
CA GLN A 219 -16.57 6.48 -26.82
C GLN A 219 -15.13 6.65 -27.26
N ASN A 220 -14.19 6.53 -26.31
CA ASN A 220 -12.78 6.62 -26.64
C ASN A 220 -12.37 5.47 -27.55
N LEU A 221 -11.37 5.72 -28.39
CA LEU A 221 -10.91 4.70 -29.32
C LEU A 221 -10.47 3.42 -28.63
N PRO A 222 -9.65 3.44 -27.57
CA PRO A 222 -9.28 2.17 -26.93
C PRO A 222 -10.43 1.47 -26.24
N SER A 223 -11.52 2.19 -25.90
CA SER A 223 -12.68 1.53 -25.30
C SER A 223 -13.56 0.88 -26.36
N ALA A 224 -13.75 1.55 -27.50
CA ALA A 224 -14.45 0.91 -28.61
C ALA A 224 -13.67 -0.27 -29.16
N LEU A 225 -12.34 -0.21 -29.08
CA LEU A 225 -11.52 -1.33 -29.53
C LEU A 225 -11.74 -2.57 -28.67
N VAL A 226 -12.15 -2.40 -27.42
CA VAL A 226 -12.23 -3.51 -26.47
C VAL A 226 -13.18 -4.59 -26.99
N SER A 227 -14.40 -4.18 -27.37
CA SER A 227 -15.39 -5.16 -27.82
C SER A 227 -14.97 -5.79 -29.14
N HIS A 228 -14.24 -5.06 -29.99
CA HIS A 228 -13.68 -5.66 -31.19
C HIS A 228 -12.65 -6.72 -30.84
N VAL A 229 -11.81 -6.46 -29.83
CA VAL A 229 -10.83 -7.45 -29.39
C VAL A 229 -11.54 -8.65 -28.77
N LEU A 230 -12.59 -8.41 -28.00
CA LEU A 230 -13.37 -9.51 -27.44
C LEU A 230 -13.96 -10.38 -28.54
N ASN A 231 -14.36 -9.76 -29.66
CA ASN A 231 -14.88 -10.44 -30.84
C ASN A 231 -16.07 -11.33 -30.50
N PRO A 232 -17.18 -10.77 -30.03
CA PRO A 232 -18.36 -11.61 -29.77
C PRO A 232 -18.98 -12.11 -31.07
N GLN A 233 -19.74 -13.18 -30.96
CA GLN A 233 -20.38 -13.79 -32.11
C GLN A 233 -21.90 -13.83 -31.91
N PRO A 234 -22.68 -13.70 -32.98
CA PRO A 234 -24.14 -13.81 -32.84
C PRO A 234 -24.53 -15.17 -32.30
N GLY A 235 -25.34 -15.17 -31.25
CA GLY A 235 -25.76 -16.39 -30.61
C GLY A 235 -24.88 -16.87 -29.48
N GLU A 236 -24.11 -15.99 -28.86
CA GLU A 236 -23.24 -16.34 -27.75
C GLU A 236 -23.76 -15.73 -26.45
N LYS A 237 -23.31 -16.29 -25.33
CA LYS A 237 -23.66 -15.80 -24.00
C LYS A 237 -22.47 -15.01 -23.48
N ILE A 238 -22.59 -13.68 -23.52
CA ILE A 238 -21.50 -12.77 -23.17
C ILE A 238 -21.84 -12.12 -21.83
N LEU A 239 -20.81 -11.93 -20.99
CA LEU A 239 -20.98 -11.31 -19.68
C LEU A 239 -20.08 -10.09 -19.59
N ASP A 240 -20.67 -8.96 -19.22
CA ASP A 240 -19.94 -7.72 -18.92
C ASP A 240 -19.96 -7.55 -17.41
N LEU A 241 -18.94 -8.01 -16.71
CA LEU A 241 -18.96 -8.02 -15.23
C LEU A 241 -19.12 -6.61 -14.67
N CYS A 242 -18.21 -5.71 -14.97
CA CYS A 242 -18.33 -4.30 -14.57
C CYS A 242 -18.73 -3.56 -15.85
N ALA A 243 -20.00 -3.20 -16.01
CA ALA A 243 -20.47 -2.70 -17.32
C ALA A 243 -20.96 -1.25 -17.38
N ALA A 244 -21.60 -0.74 -16.36
CA ALA A 244 -22.19 0.60 -16.41
C ALA A 244 -21.15 1.63 -16.85
N PRO A 245 -21.54 2.61 -17.68
CA PRO A 245 -22.92 2.86 -18.12
C PRO A 245 -23.40 2.01 -19.29
N GLY A 246 -22.58 1.06 -19.72
CA GLY A 246 -22.95 0.16 -20.79
C GLY A 246 -22.49 0.54 -22.18
N GLY A 247 -21.44 1.36 -22.30
CA GLY A 247 -20.93 1.69 -23.62
C GLY A 247 -20.40 0.47 -24.35
N LYS A 248 -19.59 -0.35 -23.66
CA LYS A 248 -19.10 -1.58 -24.27
C LYS A 248 -20.19 -2.63 -24.36
N THR A 249 -21.12 -2.65 -23.40
CA THR A 249 -22.20 -3.62 -23.44
C THR A 249 -23.06 -3.44 -24.69
N THR A 250 -23.46 -2.20 -24.97
CA THR A 250 -24.22 -1.94 -26.19
C THR A 250 -23.39 -2.20 -27.43
N HIS A 251 -22.08 -1.95 -27.37
CA HIS A 251 -21.21 -2.26 -28.49
C HIS A 251 -21.16 -3.76 -28.75
N ILE A 252 -21.05 -4.56 -27.69
CA ILE A 252 -21.02 -6.01 -27.85
C ILE A 252 -22.32 -6.49 -28.47
N ALA A 253 -23.46 -5.96 -28.01
CA ALA A 253 -24.74 -6.36 -28.57
C ALA A 253 -24.85 -5.99 -30.04
N ALA A 254 -24.29 -4.84 -30.42
CA ALA A 254 -24.33 -4.42 -31.81
C ALA A 254 -23.50 -5.33 -32.70
N LEU A 255 -22.33 -5.76 -32.21
CA LEU A 255 -21.48 -6.65 -33.00
C LEU A 255 -22.13 -8.01 -33.23
N MET A 256 -23.01 -8.42 -32.33
CA MET A 256 -23.73 -9.68 -32.48
C MET A 256 -25.03 -9.53 -33.24
N HIS A 257 -25.32 -8.33 -33.76
CA HIS A 257 -26.58 -8.03 -34.44
C HIS A 257 -27.78 -8.32 -33.54
N ASP A 258 -27.61 -8.07 -32.24
CA ASP A 258 -28.62 -8.29 -31.21
C ASP A 258 -29.05 -9.76 -31.09
N GLN A 259 -28.37 -10.67 -31.76
CA GLN A 259 -28.68 -12.10 -31.70
C GLN A 259 -27.75 -12.74 -30.70
N GLY A 260 -28.31 -13.19 -29.58
CA GLY A 260 -27.53 -13.81 -28.53
C GLY A 260 -27.99 -13.30 -27.18
N GLU A 261 -27.13 -13.50 -26.18
CA GLU A 261 -27.41 -13.10 -24.81
C GLU A 261 -26.23 -12.30 -24.27
N VAL A 262 -26.52 -11.10 -23.76
CA VAL A 262 -25.50 -10.22 -23.19
C VAL A 262 -25.94 -9.88 -21.77
N ILE A 263 -25.20 -10.39 -20.79
CA ILE A 263 -25.47 -10.13 -19.38
C ILE A 263 -24.57 -9.00 -18.92
N ALA A 264 -25.14 -8.00 -18.27
CA ALA A 264 -24.42 -6.84 -17.78
C ALA A 264 -24.63 -6.69 -16.28
N LEU A 265 -23.53 -6.48 -15.55
CA LEU A 265 -23.57 -6.32 -14.11
C LEU A 265 -22.93 -5.00 -13.71
N ASP A 266 -23.33 -4.50 -12.54
CA ASP A 266 -22.72 -3.35 -11.90
C ASP A 266 -23.31 -3.23 -10.50
N LYS A 267 -22.51 -2.73 -9.56
CA LYS A 267 -22.87 -2.77 -8.15
C LYS A 267 -23.75 -1.59 -7.71
N ILE A 268 -23.98 -0.60 -8.57
CA ILE A 268 -24.74 0.59 -8.22
C ILE A 268 -26.05 0.57 -8.97
N PHE A 269 -27.16 0.79 -8.25
CA PHE A 269 -28.49 0.65 -8.83
C PHE A 269 -28.72 1.63 -9.97
N ASN A 270 -28.46 2.92 -9.74
CA ASN A 270 -28.68 3.92 -10.78
C ASN A 270 -27.76 3.71 -11.97
N LYS A 271 -26.53 3.24 -11.71
CA LYS A 271 -25.61 2.96 -12.81
C LYS A 271 -26.14 1.84 -13.71
N VAL A 272 -26.81 0.84 -13.12
CA VAL A 272 -27.41 -0.22 -13.90
C VAL A 272 -28.59 0.31 -14.72
N GLU A 273 -29.35 1.24 -14.15
CA GLU A 273 -30.47 1.83 -14.89
C GLU A 273 -29.98 2.52 -16.16
N LYS A 274 -28.80 3.13 -16.12
CA LYS A 274 -28.24 3.75 -17.30
C LYS A 274 -28.01 2.74 -18.42
N ILE A 275 -27.60 1.51 -18.06
CA ILE A 275 -27.44 0.45 -19.04
C ILE A 275 -28.77 0.15 -19.71
N LYS A 276 -29.84 0.04 -18.91
CA LYS A 276 -31.15 -0.30 -19.45
C LYS A 276 -31.68 0.79 -20.36
N GLN A 277 -31.48 2.06 -19.99
CA GLN A 277 -31.88 3.16 -20.87
C GLN A 277 -31.07 3.13 -22.17
N ASN A 278 -29.74 2.99 -22.06
CA ASN A 278 -28.90 2.99 -23.25
C ASN A 278 -29.22 1.80 -24.15
N ALA A 279 -29.52 0.65 -23.56
CA ALA A 279 -29.88 -0.52 -24.36
C ALA A 279 -31.18 -0.27 -25.12
N LEU A 280 -32.20 0.24 -24.43
CA LEU A 280 -33.47 0.53 -25.10
C LEU A 280 -33.33 1.69 -26.08
N LEU A 281 -32.55 2.72 -25.69
CA LEU A 281 -32.37 3.88 -26.56
C LEU A 281 -31.74 3.48 -27.89
N LEU A 282 -30.75 2.59 -27.87
CA LEU A 282 -30.08 2.14 -29.07
C LEU A 282 -30.74 0.92 -29.69
N GLY A 283 -31.86 0.45 -29.14
CA GLY A 283 -32.62 -0.62 -29.76
C GLY A 283 -32.10 -2.01 -29.55
N LEU A 284 -31.32 -2.26 -28.50
CA LEU A 284 -30.80 -3.60 -28.21
C LEU A 284 -31.72 -4.28 -27.20
N ASN A 285 -32.24 -5.45 -27.58
CA ASN A 285 -33.10 -6.24 -26.70
C ASN A 285 -32.37 -7.42 -26.08
N SER A 286 -31.21 -7.82 -26.62
CA SER A 286 -30.47 -8.97 -26.09
C SER A 286 -29.78 -8.66 -24.77
N ILE A 287 -29.79 -7.42 -24.32
CA ILE A 287 -29.10 -7.02 -23.10
C ILE A 287 -30.02 -7.20 -21.90
N ARG A 288 -29.47 -7.74 -20.82
CA ARG A 288 -30.17 -7.89 -19.55
C ARG A 288 -29.22 -7.45 -18.44
N ALA A 289 -29.55 -6.34 -17.78
CA ALA A 289 -28.68 -5.74 -16.78
C ALA A 289 -29.18 -6.04 -15.37
N PHE A 290 -28.25 -6.30 -14.46
CA PHE A 290 -28.56 -6.58 -13.07
C PHE A 290 -27.63 -5.79 -12.16
N CYS A 291 -28.17 -5.33 -11.03
CA CYS A 291 -27.37 -4.72 -9.98
C CYS A 291 -26.88 -5.84 -9.06
N PHE A 292 -25.58 -6.11 -9.09
CA PHE A 292 -25.05 -7.28 -8.41
C PHE A 292 -23.54 -7.11 -8.23
N ASP A 293 -23.03 -7.70 -7.15
CA ASP A 293 -21.59 -7.70 -6.89
C ASP A 293 -20.92 -8.77 -7.75
N GLY A 294 -20.07 -8.33 -8.68
CA GLY A 294 -19.39 -9.27 -9.56
C GLY A 294 -18.49 -10.25 -8.83
N THR A 295 -17.93 -9.84 -7.69
CA THR A 295 -17.10 -10.72 -6.88
C THR A 295 -17.90 -11.85 -6.23
N LYS A 296 -19.23 -11.78 -6.30
CA LYS A 296 -20.11 -12.79 -5.72
C LYS A 296 -21.00 -13.44 -6.78
N ALA A 297 -20.60 -13.36 -8.06
CA ALA A 297 -21.44 -13.77 -9.17
C ALA A 297 -21.31 -15.26 -9.49
N VAL A 298 -20.71 -16.06 -8.60
CA VAL A 298 -20.49 -17.47 -8.84
C VAL A 298 -21.42 -18.26 -7.93
N LYS A 299 -22.26 -19.10 -8.53
CA LYS A 299 -23.21 -19.94 -7.81
C LYS A 299 -22.70 -21.37 -7.75
N LEU A 300 -23.18 -22.11 -6.75
CA LEU A 300 -22.73 -23.48 -6.52
C LEU A 300 -23.94 -24.32 -6.12
N ASP A 301 -23.67 -25.46 -5.49
CA ASP A 301 -24.73 -26.43 -5.16
C ASP A 301 -25.87 -25.79 -4.39
N MET A 302 -25.56 -24.91 -3.45
CA MET A 302 -26.61 -24.26 -2.66
C MET A 302 -26.67 -22.76 -2.92
N GLU A 309 -30.67 -14.60 -14.12
CA GLU A 309 -30.44 -13.82 -12.92
C GLU A 309 -29.19 -14.28 -12.17
N PRO A 310 -28.37 -13.32 -11.75
CA PRO A 310 -27.17 -13.67 -10.99
C PRO A 310 -27.54 -14.12 -9.58
N PRO A 311 -26.69 -14.92 -8.93
CA PRO A 311 -25.39 -15.42 -9.43
C PRO A 311 -25.56 -16.57 -10.43
N PHE A 312 -24.48 -16.90 -11.13
CA PHE A 312 -24.50 -17.90 -12.17
C PHE A 312 -23.60 -19.08 -11.80
N LEU A 313 -23.89 -20.23 -12.42
CA LEU A 313 -23.04 -21.39 -12.25
C LEU A 313 -21.71 -21.20 -12.98
N PRO A 314 -20.66 -21.89 -12.55
CA PRO A 314 -19.37 -21.75 -13.24
C PRO A 314 -19.41 -22.31 -14.65
N GLU A 315 -18.52 -21.77 -15.49
CA GLU A 315 -18.41 -22.17 -16.90
C GLU A 315 -19.74 -21.98 -17.63
N SER A 316 -20.29 -20.76 -17.52
CA SER A 316 -21.62 -20.46 -18.03
C SER A 316 -21.64 -19.54 -19.23
N PHE A 317 -20.55 -18.87 -19.56
CA PHE A 317 -20.52 -17.87 -20.62
C PHE A 317 -19.48 -18.22 -21.68
N ASP A 318 -19.82 -17.92 -22.94
CA ASP A 318 -18.86 -18.12 -24.02
C ASP A 318 -17.71 -17.14 -23.94
N ARG A 319 -18.02 -15.87 -23.66
CA ARG A 319 -16.99 -14.85 -23.45
C ARG A 319 -17.38 -13.97 -22.28
N ILE A 320 -16.37 -13.45 -21.59
CA ILE A 320 -16.56 -12.55 -20.45
C ILE A 320 -15.66 -11.34 -20.64
N LEU A 321 -16.20 -10.16 -20.39
CA LEU A 321 -15.45 -8.92 -20.44
C LEU A 321 -15.31 -8.36 -19.02
N LEU A 322 -14.08 -8.13 -18.60
CA LEU A 322 -13.80 -7.50 -17.31
C LEU A 322 -13.12 -6.16 -17.58
N ASP A 323 -13.93 -5.14 -17.80
CA ASP A 323 -13.46 -3.76 -17.81
C ASP A 323 -13.41 -3.31 -16.35
N ALA A 324 -12.35 -3.73 -15.67
CA ALA A 324 -12.31 -3.67 -14.22
C ALA A 324 -12.24 -2.23 -13.72
N PRO A 325 -12.75 -1.97 -12.51
CA PRO A 325 -12.49 -0.68 -11.87
C PRO A 325 -10.99 -0.51 -11.63
N CYS A 326 -10.53 0.72 -11.75
CA CYS A 326 -9.09 0.98 -11.69
C CYS A 326 -8.86 2.38 -11.11
N SER A 327 -7.60 2.80 -11.11
CA SER A 327 -7.24 4.14 -10.63
C SER A 327 -7.66 5.23 -11.61
N GLY A 328 -7.97 4.87 -12.85
CA GLY A 328 -8.47 5.83 -13.81
C GLY A 328 -7.52 6.93 -14.17
N MET A 329 -6.22 6.77 -13.92
CA MET A 329 -5.24 7.81 -14.19
C MET A 329 -4.74 7.80 -15.63
N GLY A 330 -5.25 6.89 -16.46
CA GLY A 330 -4.97 6.94 -17.88
C GLY A 330 -6.00 7.77 -18.62
N GLN A 331 -6.60 8.70 -17.87
CA GLN A 331 -7.66 9.54 -18.44
C GLN A 331 -7.07 10.82 -18.99
N ARG A 332 -7.67 11.31 -20.06
CA ARG A 332 -7.26 12.58 -20.66
C ARG A 332 -8.53 13.34 -21.05
N PRO A 333 -8.64 14.63 -20.71
CA PRO A 333 -7.63 15.38 -19.95
C PRO A 333 -7.76 15.14 -18.44
N ASN A 334 -6.62 15.10 -17.76
CA ASN A 334 -6.57 14.89 -16.30
C ASN A 334 -5.47 15.81 -15.77
N MET A 335 -5.86 17.00 -15.35
CA MET A 335 -4.90 18.01 -14.94
C MET A 335 -4.66 18.04 -13.44
N ALA A 336 -5.48 17.31 -12.66
CA ALA A 336 -5.28 17.21 -11.22
C ALA A 336 -6.00 15.99 -10.70
N CYS A 337 -5.26 15.14 -9.97
CA CYS A 337 -5.83 13.98 -9.28
C CYS A 337 -5.34 14.03 -7.84
N THR A 338 -6.23 14.42 -6.92
CA THR A 338 -5.88 14.64 -5.52
C THR A 338 -5.98 13.38 -4.68
N TRP A 339 -5.85 12.20 -5.30
CA TRP A 339 -6.01 10.95 -4.59
C TRP A 339 -4.83 10.68 -3.67
N SER A 340 -5.07 9.82 -2.69
CA SER A 340 -4.00 9.28 -1.86
C SER A 340 -3.29 8.14 -2.61
N VAL A 341 -2.13 7.76 -2.09
CA VAL A 341 -1.45 6.59 -2.63
C VAL A 341 -2.21 5.32 -2.30
N LYS A 342 -2.90 5.30 -1.16
CA LYS A 342 -3.73 4.14 -0.82
C LYS A 342 -4.96 4.05 -1.71
N GLU A 343 -5.53 5.20 -2.11
CA GLU A 343 -6.71 5.17 -2.97
C GLU A 343 -6.35 4.72 -4.39
N VAL A 344 -5.13 5.01 -4.85
CA VAL A 344 -4.71 4.54 -6.16
C VAL A 344 -4.45 3.03 -6.13
N ALA A 345 -3.83 2.54 -5.05
CA ALA A 345 -3.64 1.11 -4.86
C ALA A 345 -4.90 0.40 -4.37
N SER A 346 -6.01 1.13 -4.23
CA SER A 346 -7.25 0.55 -3.71
C SER A 346 -7.86 -0.48 -4.66
N TYR A 347 -7.45 -0.50 -5.92
CA TYR A 347 -8.15 -1.29 -6.93
C TYR A 347 -7.51 -2.64 -7.22
N GLN A 348 -6.25 -2.85 -6.84
CA GLN A 348 -5.59 -4.12 -7.15
C GLN A 348 -6.28 -5.33 -6.54
N PRO A 349 -6.66 -5.34 -5.25
CA PRO A 349 -7.36 -6.52 -4.72
C PRO A 349 -8.73 -6.75 -5.37
N LEU A 350 -9.51 -5.68 -5.57
CA LEU A 350 -10.83 -5.84 -6.19
C LEU A 350 -10.70 -6.36 -7.62
N GLN A 351 -9.64 -5.98 -8.32
CA GLN A 351 -9.42 -6.50 -9.67
C GLN A 351 -9.18 -8.01 -9.64
N ARG A 352 -8.42 -8.49 -8.66
CA ARG A 352 -8.11 -9.91 -8.59
C ARG A 352 -9.31 -10.72 -8.13
N LYS A 353 -10.22 -10.11 -7.37
CA LYS A 353 -11.43 -10.83 -6.99
C LYS A 353 -12.40 -10.95 -8.16
N LEU A 354 -12.57 -9.87 -8.93
CA LEU A 354 -13.41 -9.94 -10.12
C LEU A 354 -12.79 -10.86 -11.17
N PHE A 355 -11.46 -10.90 -11.25
CA PHE A 355 -10.80 -11.81 -12.18
C PHE A 355 -11.08 -13.27 -11.83
N THR A 356 -11.04 -13.60 -10.53
CA THR A 356 -11.26 -14.99 -10.11
C THR A 356 -12.67 -15.45 -10.44
N ALA A 357 -13.66 -14.56 -10.28
CA ALA A 357 -15.02 -14.91 -10.64
C ALA A 357 -15.17 -15.14 -12.14
N ALA A 358 -14.47 -14.35 -12.95
CA ALA A 358 -14.57 -14.50 -14.40
C ALA A 358 -13.98 -15.82 -14.87
N VAL A 359 -12.83 -16.21 -14.32
CA VAL A 359 -12.18 -17.46 -14.73
C VAL A 359 -13.10 -18.65 -14.45
N GLN A 360 -13.79 -18.62 -13.31
CA GLN A 360 -14.71 -19.72 -12.98
C GLN A 360 -15.94 -19.70 -13.85
N LEU A 361 -16.45 -18.51 -14.19
CA LEU A 361 -17.67 -18.39 -14.98
C LEU A 361 -17.44 -18.63 -16.46
N LEU A 362 -16.20 -18.60 -16.93
CA LEU A 362 -15.91 -18.74 -18.35
C LEU A 362 -15.94 -20.21 -18.76
N LYS A 363 -16.61 -20.49 -19.88
CA LYS A 363 -16.65 -21.83 -20.41
C LYS A 363 -15.27 -22.26 -20.89
N PRO A 364 -15.03 -23.57 -21.00
CA PRO A 364 -13.82 -24.02 -21.70
C PRO A 364 -13.82 -23.53 -23.14
N GLU A 365 -12.62 -23.25 -23.66
CA GLU A 365 -12.41 -22.63 -24.96
C GLU A 365 -12.98 -21.22 -25.04
N GLY A 366 -13.37 -20.64 -23.89
CA GLY A 366 -13.94 -19.31 -23.90
C GLY A 366 -12.88 -18.22 -23.91
N VAL A 367 -13.33 -17.01 -24.25
CA VAL A 367 -12.46 -15.86 -24.43
C VAL A 367 -12.74 -14.86 -23.30
N LEU A 368 -11.67 -14.41 -22.64
CA LEU A 368 -11.77 -13.40 -21.60
C LEU A 368 -10.89 -12.22 -21.98
N VAL A 369 -11.47 -11.02 -21.96
CA VAL A 369 -10.74 -9.78 -22.23
C VAL A 369 -10.74 -8.94 -20.96
N TYR A 370 -9.55 -8.51 -20.54
CA TYR A 370 -9.37 -7.70 -19.36
C TYR A 370 -8.84 -6.34 -19.78
N SER A 371 -9.48 -5.27 -19.27
CA SER A 371 -9.11 -3.92 -19.66
C SER A 371 -9.26 -2.98 -18.47
N THR A 372 -8.39 -1.98 -18.42
CA THR A 372 -8.40 -0.94 -17.41
C THR A 372 -8.32 0.42 -18.12
N CYS A 373 -8.59 1.49 -17.37
CA CYS A 373 -8.40 2.84 -17.86
C CYS A 373 -7.35 3.58 -17.03
N THR A 374 -6.26 2.90 -16.71
CA THR A 374 -5.17 3.49 -15.94
C THR A 374 -3.84 3.08 -16.59
N ILE A 375 -2.75 3.54 -15.98
CA ILE A 375 -1.41 3.37 -16.54
C ILE A 375 -0.48 2.58 -15.63
N THR A 376 -0.93 2.19 -14.44
CA THR A 376 -0.04 1.60 -13.46
C THR A 376 0.39 0.19 -13.86
N LEU A 377 1.65 -0.14 -13.59
CA LEU A 377 2.16 -1.49 -13.83
C LEU A 377 1.48 -2.51 -12.93
N ALA A 378 1.15 -2.12 -11.70
CA ALA A 378 0.55 -3.07 -10.76
C ALA A 378 -0.88 -3.46 -11.14
N GLU A 379 -1.56 -2.66 -11.95
CA GLU A 379 -2.94 -2.96 -12.34
C GLU A 379 -3.06 -3.53 -13.74
N ASN A 380 -2.01 -3.48 -14.55
CA ASN A 380 -2.10 -3.91 -15.95
C ASN A 380 -1.24 -5.15 -16.23
N GLU A 381 0.08 -5.02 -16.18
CA GLU A 381 0.93 -6.15 -16.59
C GLU A 381 1.18 -7.10 -15.44
N GLU A 382 1.25 -6.57 -14.22
CA GLU A 382 1.41 -7.41 -13.05
C GLU A 382 0.20 -8.31 -12.83
N GLN A 383 -1.00 -7.84 -13.19
CA GLN A 383 -2.18 -8.69 -13.06
C GLN A 383 -2.20 -9.79 -14.11
N VAL A 384 -1.66 -9.53 -15.29
CA VAL A 384 -1.58 -10.57 -16.32
C VAL A 384 -0.64 -11.69 -15.88
N ALA A 385 0.53 -11.32 -15.34
CA ALA A 385 1.46 -12.32 -14.83
C ALA A 385 0.86 -13.08 -13.66
N TRP A 386 0.14 -12.38 -12.79
CA TRP A 386 -0.52 -13.04 -11.67
C TRP A 386 -1.59 -14.01 -12.16
N ALA A 387 -2.35 -13.62 -13.19
CA ALA A 387 -3.43 -14.46 -13.69
C ALA A 387 -2.89 -15.73 -14.35
N LEU A 388 -1.88 -15.58 -15.21
CA LEU A 388 -1.34 -16.74 -15.91
C LEU A 388 -0.60 -17.69 -14.98
N THR A 389 -0.24 -17.24 -13.78
CA THR A 389 0.37 -18.13 -12.79
C THR A 389 -0.68 -18.76 -11.89
N LYS A 390 -1.66 -17.99 -11.43
CA LYS A 390 -2.70 -18.53 -10.56
C LYS A 390 -3.75 -19.33 -11.33
N PHE A 391 -3.87 -19.15 -12.64
CA PHE A 391 -4.84 -19.85 -13.46
C PHE A 391 -4.10 -20.55 -14.60
N PRO A 392 -3.62 -21.77 -14.39
CA PRO A 392 -2.99 -22.51 -15.49
C PRO A 392 -3.94 -22.81 -16.63
N CYS A 393 -5.25 -22.77 -16.40
CA CYS A 393 -6.22 -23.00 -17.47
C CYS A 393 -6.23 -21.86 -18.48
N LEU A 394 -5.65 -20.72 -18.15
CA LEU A 394 -5.64 -19.57 -19.04
C LEU A 394 -4.40 -19.59 -19.92
N GLN A 395 -4.46 -18.82 -21.01
CA GLN A 395 -3.34 -18.69 -21.94
C GLN A 395 -3.52 -17.40 -22.71
N LEU A 396 -2.50 -16.53 -22.67
CA LEU A 396 -2.58 -15.26 -23.38
C LEU A 396 -2.68 -15.48 -24.88
N GLN A 397 -3.44 -14.63 -25.54
CA GLN A 397 -3.68 -14.74 -26.97
C GLN A 397 -3.40 -13.42 -27.67
N PRO A 398 -3.03 -13.46 -28.95
CA PRO A 398 -2.91 -12.22 -29.71
C PRO A 398 -4.27 -11.55 -29.90
N GLN A 399 -4.22 -10.26 -30.22
CA GLN A 399 -5.42 -9.44 -30.34
C GLN A 399 -5.60 -8.94 -31.77
N GLU A 400 -6.85 -8.86 -32.20
CA GLU A 400 -7.21 -8.30 -33.49
C GLU A 400 -8.39 -7.37 -33.28
N PRO A 401 -8.29 -6.09 -33.71
CA PRO A 401 -7.11 -5.48 -34.33
C PRO A 401 -6.06 -5.04 -33.32
N GLN A 402 -4.80 -4.96 -33.75
CA GLN A 402 -3.71 -4.43 -32.94
C GLN A 402 -3.56 -2.96 -33.27
N ILE A 403 -3.93 -2.09 -32.32
CA ILE A 403 -3.92 -0.65 -32.52
C ILE A 403 -2.95 0.05 -31.59
N GLY A 404 -2.89 -0.36 -30.32
CA GLY A 404 -2.03 0.27 -29.35
C GLY A 404 -0.62 -0.32 -29.34
N GLY A 405 0.19 0.17 -28.41
CA GLY A 405 1.55 -0.27 -28.28
C GLY A 405 1.68 -1.59 -27.54
N GLU A 406 2.93 -1.99 -27.31
CA GLU A 406 3.22 -3.24 -26.64
C GLU A 406 3.02 -3.10 -25.13
N GLY A 407 3.22 -4.20 -24.42
CA GLY A 407 3.13 -4.18 -22.97
C GLY A 407 4.36 -3.57 -22.33
N MET A 408 4.17 -3.01 -21.14
CA MET A 408 5.25 -2.35 -20.42
C MET A 408 6.07 -3.37 -19.64
N ARG A 409 7.38 -3.18 -19.63
CA ARG A 409 8.27 -4.07 -18.89
C ARG A 409 8.18 -3.80 -17.40
N GLY A 410 8.49 -4.83 -16.61
CA GLY A 410 8.46 -4.71 -15.16
C GLY A 410 7.71 -5.84 -14.50
N ALA A 411 6.91 -6.58 -15.28
CA ALA A 411 6.14 -7.69 -14.78
C ALA A 411 6.80 -9.04 -15.03
N GLY A 412 7.99 -9.06 -15.62
CA GLY A 412 8.65 -10.31 -15.93
C GLY A 412 7.96 -11.13 -16.98
N LEU A 413 7.34 -10.49 -17.96
CA LEU A 413 6.64 -11.18 -19.04
C LEU A 413 7.56 -11.36 -20.24
N SER A 414 7.12 -12.20 -21.17
CA SER A 414 7.87 -12.45 -22.38
C SER A 414 7.92 -11.19 -23.25
N CYS A 415 8.80 -11.21 -24.25
CA CYS A 415 8.67 -10.26 -25.34
C CYS A 415 7.54 -10.66 -26.27
N GLU A 416 7.26 -11.95 -26.37
CA GLU A 416 6.09 -12.41 -27.13
C GLU A 416 4.80 -12.11 -26.39
N GLN A 417 4.82 -12.12 -25.05
CA GLN A 417 3.64 -11.80 -24.27
C GLN A 417 3.35 -10.30 -24.27
N LEU A 418 4.40 -9.47 -24.14
CA LEU A 418 4.20 -8.02 -24.22
C LEU A 418 3.73 -7.60 -25.61
N LYS A 419 4.19 -8.32 -26.65
CA LYS A 419 3.73 -8.02 -28.00
C LYS A 419 2.27 -8.42 -28.22
N GLN A 420 1.70 -9.23 -27.33
CA GLN A 420 0.31 -9.62 -27.44
C GLN A 420 -0.64 -8.65 -26.74
N LEU A 421 -0.17 -7.97 -25.69
CA LEU A 421 -0.99 -6.99 -24.99
C LEU A 421 -1.06 -5.70 -25.80
N GLN A 422 -2.06 -4.88 -25.46
CA GLN A 422 -2.25 -3.56 -26.07
C GLN A 422 -2.31 -2.53 -24.96
N ARG A 423 -1.21 -1.81 -24.77
CA ARG A 423 -1.15 -0.68 -23.84
C ARG A 423 -1.03 0.60 -24.64
N PHE A 424 -1.90 1.57 -24.33
CA PHE A 424 -1.92 2.85 -25.03
C PHE A 424 -1.17 3.87 -24.19
N ASP A 425 -0.01 4.30 -24.68
CA ASP A 425 0.82 5.27 -23.97
C ASP A 425 0.58 6.65 -24.53
N PRO A 426 0.05 7.59 -23.75
CA PRO A 426 -0.08 8.98 -24.23
C PRO A 426 1.26 9.63 -24.56
N SER A 427 2.35 9.08 -24.06
CA SER A 427 3.70 9.58 -24.35
C SER A 427 4.23 9.12 -25.69
N ALA A 428 3.48 8.28 -26.42
CA ALA A 428 4.02 7.65 -27.64
C ALA A 428 4.38 8.69 -28.69
N VAL A 429 3.54 9.70 -28.89
CA VAL A 429 3.79 10.73 -29.90
C VAL A 429 3.64 12.09 -29.24
N PRO A 430 4.30 13.11 -29.79
CA PRO A 430 4.16 14.46 -29.22
C PRO A 430 2.76 15.02 -29.43
N LEU A 431 2.41 15.97 -28.57
CA LEU A 431 1.10 16.61 -28.65
C LEU A 431 1.04 17.53 -29.85
N PRO A 432 0.06 17.38 -30.74
CA PRO A 432 -0.06 18.26 -31.89
C PRO A 432 -0.82 19.54 -31.57
N ASP A 433 -0.50 20.60 -32.31
CA ASP A 433 -1.18 21.88 -32.22
C ASP A 433 -1.97 22.05 -33.51
N THR A 434 -3.15 21.46 -33.55
CA THR A 434 -3.94 21.34 -34.78
C THR A 434 -4.79 22.58 -34.95
N ASP A 435 -4.39 23.45 -35.88
CA ASP A 435 -5.25 24.50 -36.42
C ASP A 435 -5.72 24.04 -37.80
N MET A 436 -6.57 24.86 -38.42
CA MET A 436 -7.19 24.36 -39.65
C MET A 436 -6.29 24.46 -40.86
N ASP A 437 -5.19 25.18 -40.77
CA ASP A 437 -4.21 25.11 -41.84
C ASP A 437 -3.37 23.85 -41.77
N SER A 438 -3.35 23.17 -40.63
CA SER A 438 -2.57 21.96 -40.47
C SER A 438 -3.23 20.75 -41.13
N LEU A 439 -4.56 20.63 -41.02
CA LEU A 439 -5.23 19.49 -41.66
C LEU A 439 -5.19 19.61 -43.17
N ARG A 440 -5.42 20.80 -43.71
CA ARG A 440 -5.33 21.01 -45.16
C ARG A 440 -3.89 20.86 -45.65
N GLU A 441 -2.93 20.77 -44.73
CA GLU A 441 -1.54 20.47 -45.06
C GLU A 441 -1.13 19.16 -44.40
N ALA A 442 -2.00 18.14 -44.48
CA ALA A 442 -1.75 16.84 -43.89
C ALA A 442 -2.42 15.78 -44.73
N ARG A 443 -1.94 14.54 -44.57
CA ARG A 443 -2.49 13.40 -45.28
C ARG A 443 -3.36 12.57 -44.35
N ARG A 444 -4.31 11.84 -44.93
CA ARG A 444 -5.16 10.96 -44.13
C ARG A 444 -4.39 9.82 -43.50
N GLU A 445 -3.25 9.46 -44.08
CA GLU A 445 -2.44 8.39 -43.51
C GLU A 445 -1.84 8.78 -42.16
N ASP A 446 -1.47 10.05 -41.98
CA ASP A 446 -0.85 10.50 -40.75
C ASP A 446 -1.87 10.71 -39.63
N MET A 447 -3.08 11.19 -39.95
CA MET A 447 -4.07 11.43 -38.91
C MET A 447 -4.64 10.12 -38.36
N LEU A 448 -4.67 9.07 -39.16
CA LEU A 448 -5.13 7.77 -38.69
C LEU A 448 -4.20 7.22 -37.62
N ARG A 449 -2.88 7.42 -37.80
CA ARG A 449 -1.93 6.96 -36.79
C ARG A 449 -1.94 7.85 -35.56
N LEU A 450 -2.19 9.15 -35.73
CA LEU A 450 -2.25 10.06 -34.59
C LEU A 450 -3.42 9.71 -33.67
N ALA A 451 -4.54 9.26 -34.26
CA ALA A 451 -5.67 8.83 -33.45
C ALA A 451 -5.38 7.54 -32.70
N ASN A 452 -4.48 6.70 -33.24
CA ASN A 452 -4.13 5.44 -32.61
C ASN A 452 -3.08 5.58 -31.52
N LYS A 453 -2.38 6.71 -31.46
CA LYS A 453 -1.32 6.91 -30.48
C LYS A 453 -1.62 7.99 -29.46
N ASP A 454 -2.15 9.13 -29.90
CA ASP A 454 -2.53 10.22 -28.99
C ASP A 454 -3.89 9.94 -28.37
N SER A 455 -3.98 8.79 -27.70
CA SER A 455 -5.19 8.31 -27.08
C SER A 455 -5.13 8.55 -25.58
N ILE A 456 -6.12 8.01 -24.86
CA ILE A 456 -6.06 7.99 -23.40
C ILE A 456 -5.23 6.79 -22.95
N GLY A 457 -4.76 6.85 -21.71
CA GLY A 457 -4.06 5.71 -21.14
C GLY A 457 -5.00 4.53 -21.00
N PHE A 458 -4.66 3.41 -21.64
CA PHE A 458 -5.54 2.26 -21.65
C PHE A 458 -4.72 1.00 -21.77
N PHE A 459 -5.30 -0.11 -21.30
CA PHE A 459 -4.63 -1.41 -21.30
C PHE A 459 -5.64 -2.49 -21.64
N ILE A 460 -5.24 -3.42 -22.50
CA ILE A 460 -6.12 -4.51 -22.93
C ILE A 460 -5.33 -5.80 -22.91
N ALA A 461 -5.87 -6.83 -22.26
CA ALA A 461 -5.31 -8.17 -22.26
C ALA A 461 -6.39 -9.17 -22.66
N LYS A 462 -6.00 -10.19 -23.42
CA LYS A 462 -6.93 -11.20 -23.92
C LYS A 462 -6.41 -12.59 -23.58
N PHE A 463 -7.27 -13.41 -23.00
CA PHE A 463 -6.95 -14.78 -22.62
C PHE A 463 -7.92 -15.75 -23.28
N VAL A 464 -7.57 -17.03 -23.18
CA VAL A 464 -8.47 -18.12 -23.56
C VAL A 464 -8.33 -19.22 -22.52
N LYS A 465 -9.45 -19.89 -22.22
CA LYS A 465 -9.47 -20.94 -21.20
C LYS A 465 -9.20 -22.28 -21.87
N CYS A 466 -8.10 -22.92 -21.49
CA CYS A 466 -7.71 -24.18 -22.13
C CYS A 466 -8.56 -25.34 -21.65
N LYS A 467 -8.47 -25.68 -20.36
CA LYS A 467 -9.19 -26.81 -19.81
C LYS A 467 -10.40 -26.32 -18.99
N SER A 468 -11.10 -27.27 -18.38
CA SER A 468 -12.23 -26.97 -17.53
C SER A 468 -11.81 -27.02 -16.05
N THR A 469 -12.70 -26.52 -15.20
CA THR A 469 -12.46 -26.52 -13.76
C THR A 469 -13.70 -27.00 -13.01
N SER C 2 30.85 -7.13 11.96
CA SER C 2 31.95 -8.00 12.37
C SER C 2 31.87 -9.36 11.65
N ILE C 3 30.84 -10.13 11.98
CA ILE C 3 30.75 -11.51 11.52
C ILE C 3 29.75 -11.63 10.38
N PHE C 4 28.49 -11.34 10.68
CA PHE C 4 27.39 -11.62 9.78
C PHE C 4 27.27 -10.54 8.72
N PRO C 5 26.75 -10.90 7.53
CA PRO C 5 26.54 -9.88 6.49
C PRO C 5 25.36 -8.97 6.82
N LYS C 6 24.99 -8.08 5.90
CA LYS C 6 23.82 -7.25 6.12
C LYS C 6 22.57 -8.12 6.21
N ILE C 7 21.47 -7.50 6.65
CA ILE C 7 20.20 -8.21 6.71
C ILE C 7 19.72 -8.49 5.30
N SER C 8 19.42 -9.75 5.02
CA SER C 8 19.00 -10.16 3.68
C SER C 8 17.61 -9.60 3.42
N LEU C 9 17.55 -8.52 2.64
CA LEU C 9 16.29 -7.86 2.32
C LEU C 9 16.02 -7.96 0.82
N ARG C 10 14.74 -7.93 0.47
CA ARG C 10 14.38 -7.74 -0.92
C ARG C 10 14.87 -6.37 -1.38
N PRO C 11 15.38 -6.24 -2.61
CA PRO C 11 15.68 -4.89 -3.12
C PRO C 11 14.47 -3.99 -3.11
N GLU C 12 13.27 -4.55 -3.24
CA GLU C 12 12.04 -3.75 -3.11
C GLU C 12 11.91 -3.18 -1.71
N VAL C 13 12.25 -3.97 -0.69
CA VAL C 13 12.11 -3.52 0.69
C VAL C 13 13.31 -2.71 1.12
N GLU C 14 14.52 -3.10 0.67
CA GLU C 14 15.72 -2.36 1.04
C GLU C 14 15.66 -0.94 0.50
N ASN C 15 15.13 -0.76 -0.71
CA ASN C 15 15.04 0.59 -1.28
C ASN C 15 13.96 1.41 -0.58
N TYR C 16 12.86 0.77 -0.16
CA TYR C 16 11.88 1.48 0.66
C TYR C 16 12.54 2.02 1.91
N LEU C 17 13.35 1.18 2.58
CA LEU C 17 14.03 1.61 3.80
C LEU C 17 14.98 2.76 3.50
N LYS C 18 15.80 2.61 2.45
CA LYS C 18 16.82 3.61 2.16
C LYS C 18 16.22 4.96 1.75
N GLU C 19 15.09 4.92 1.02
CA GLU C 19 14.45 6.18 0.61
C GLU C 19 13.98 6.98 1.81
N GLY C 20 13.45 6.30 2.84
CA GLY C 20 13.05 6.99 4.05
C GLY C 20 14.21 7.42 4.92
N PHE C 21 15.37 6.77 4.79
CA PHE C 21 16.54 7.14 5.56
C PHE C 21 17.43 8.14 4.83
N MET C 22 17.12 8.48 3.58
CA MET C 22 17.93 9.41 2.80
C MET C 22 17.02 10.38 2.04
N ASN C 23 16.08 11.00 2.75
CA ASN C 23 15.20 11.97 2.12
C ASN C 23 15.79 13.37 2.26
N LYS C 24 14.98 14.40 1.98
CA LYS C 24 15.51 15.77 1.88
C LYS C 24 16.07 16.25 3.21
N GLU C 25 15.29 16.15 4.29
CA GLU C 25 15.72 16.72 5.56
C GLU C 25 16.95 16.03 6.11
N ILE C 26 17.09 14.72 5.87
CA ILE C 26 18.22 13.99 6.44
C ILE C 26 19.50 14.21 5.63
N VAL C 27 19.39 14.34 4.30
CA VAL C 27 20.59 14.45 3.49
C VAL C 27 21.25 15.82 3.64
N THR C 28 20.46 16.87 3.91
CA THR C 28 21.03 18.19 4.13
C THR C 28 21.72 18.30 5.48
N ALA C 29 21.48 17.38 6.41
CA ALA C 29 22.27 17.34 7.63
C ALA C 29 23.72 17.03 7.32
N LEU C 30 23.97 15.97 6.56
CA LEU C 30 25.29 15.65 6.01
C LEU C 30 25.15 14.57 4.94
N GLU C 36 23.67 7.96 3.62
CA GLU C 36 24.45 7.02 2.81
C GLU C 36 25.18 6.03 3.69
N ARG C 37 26.32 6.45 4.25
CA ARG C 37 27.10 5.55 5.10
C ARG C 37 26.39 5.26 6.41
N LYS C 38 25.51 6.16 6.87
CA LYS C 38 24.79 5.92 8.11
C LYS C 38 23.73 4.82 7.93
N PHE C 39 23.06 4.81 6.77
CA PHE C 39 22.06 3.77 6.52
C PHE C 39 22.71 2.42 6.29
N GLU C 40 23.86 2.40 5.60
CA GLU C 40 24.53 1.14 5.31
C GLU C 40 25.01 0.46 6.59
N THR C 41 25.54 1.23 7.54
CA THR C 41 25.99 0.65 8.80
C THR C 41 24.81 0.10 9.61
N LEU C 42 23.61 0.63 9.40
CA LEU C 42 22.44 0.11 10.08
C LEU C 42 22.16 -1.32 9.67
N LEU C 43 22.07 -1.58 8.36
CA LEU C 43 21.74 -2.91 7.86
C LEU C 43 22.77 -3.94 8.29
N LYS C 44 24.02 -3.53 8.47
CA LYS C 44 25.03 -4.44 8.98
C LYS C 44 24.82 -4.75 10.47
N HIS C 45 24.29 -3.79 11.22
CA HIS C 45 24.09 -3.97 12.66
C HIS C 45 22.82 -4.77 12.96
N LEU C 46 21.82 -4.72 12.08
CA LEU C 46 20.58 -5.45 12.33
C LEU C 46 20.80 -6.95 12.33
N SER C 47 21.88 -7.44 11.73
CA SER C 47 22.16 -8.86 11.68
C SER C 47 22.82 -9.40 12.94
N HIS C 48 23.31 -8.52 13.82
CA HIS C 48 24.02 -8.97 15.00
C HIS C 48 23.19 -8.76 16.25
N PRO C 49 23.32 -9.65 17.24
CA PRO C 49 22.54 -9.51 18.48
C PRO C 49 23.02 -8.32 19.28
N PRO C 50 22.18 -7.81 20.20
CA PRO C 50 22.65 -6.78 21.12
C PRO C 50 23.78 -7.30 21.99
N SER C 51 24.68 -6.39 22.37
CA SER C 51 25.85 -6.74 23.16
C SER C 51 25.53 -6.99 24.62
N PHE C 52 24.27 -6.80 25.04
CA PHE C 52 23.90 -6.99 26.44
C PHE C 52 22.61 -7.79 26.53
N THR C 53 22.50 -8.57 27.60
CA THR C 53 21.27 -9.28 27.95
C THR C 53 20.60 -8.50 29.07
N THR C 54 19.44 -7.91 28.78
CA THR C 54 18.72 -7.09 29.73
C THR C 54 17.64 -7.91 30.41
N VAL C 55 17.64 -7.90 31.75
CA VAL C 55 16.68 -8.62 32.56
C VAL C 55 15.95 -7.62 33.44
N ARG C 56 14.63 -7.74 33.50
CA ARG C 56 13.80 -6.86 34.33
C ARG C 56 13.38 -7.61 35.59
N VAL C 57 13.73 -7.04 36.75
CA VAL C 57 13.43 -7.68 38.02
C VAL C 57 11.99 -7.35 38.42
N ASN C 58 11.21 -8.39 38.72
CA ASN C 58 9.85 -8.21 39.21
C ASN C 58 9.88 -7.73 40.65
N THR C 59 9.83 -6.41 40.85
CA THR C 59 9.97 -5.83 42.18
C THR C 59 8.81 -6.15 43.10
N HIS C 60 7.68 -6.62 42.57
CA HIS C 60 6.54 -6.96 43.40
C HIS C 60 6.72 -8.29 44.14
N LEU C 61 7.76 -9.05 43.82
CA LEU C 61 8.03 -10.31 44.51
C LEU C 61 9.48 -10.46 44.97
N ALA C 62 10.43 -9.72 44.39
CA ALA C 62 11.82 -9.79 44.83
C ALA C 62 12.52 -8.51 44.42
N SER C 63 13.44 -8.06 45.26
CA SER C 63 14.21 -6.87 44.98
C SER C 63 15.26 -7.14 43.91
N VAL C 64 15.75 -6.06 43.29
CA VAL C 64 16.83 -6.18 42.31
C VAL C 64 18.06 -6.77 42.98
N GLN C 65 18.35 -6.36 44.22
CA GLN C 65 19.50 -6.89 44.94
C GLN C 65 19.36 -8.38 45.20
N HIS C 66 18.14 -8.86 45.43
CA HIS C 66 17.93 -10.29 45.65
C HIS C 66 18.12 -11.07 44.36
N VAL C 67 17.49 -10.61 43.28
CA VAL C 67 17.58 -11.32 42.00
C VAL C 67 18.99 -11.27 41.43
N LYS C 68 19.70 -10.15 41.64
CA LYS C 68 21.05 -10.00 41.10
C LYS C 68 21.98 -11.08 41.63
N ASN C 69 21.99 -11.29 42.96
CA ASN C 69 22.87 -12.29 43.53
C ASN C 69 22.36 -13.71 43.27
N LEU C 70 21.05 -13.87 43.09
CA LEU C 70 20.53 -15.17 42.67
C LEU C 70 20.97 -15.51 41.26
N LEU C 71 20.99 -14.51 40.36
CA LEU C 71 21.47 -14.74 39.01
C LEU C 71 22.96 -15.02 38.96
N LEU C 72 23.71 -14.46 39.92
CA LEU C 72 25.14 -14.75 40.01
C LEU C 72 25.36 -16.24 40.28
N ASP C 73 24.51 -16.84 41.10
CA ASP C 73 24.56 -18.29 41.31
C ASP C 73 24.25 -19.03 40.01
N GLU C 74 23.25 -18.57 39.26
CA GLU C 74 22.87 -19.23 38.02
C GLU C 74 23.98 -19.15 36.98
N LEU C 75 24.60 -17.98 36.83
CA LEU C 75 25.65 -17.83 35.83
C LEU C 75 26.88 -18.66 36.19
N GLN C 76 27.20 -18.75 37.48
CA GLN C 76 28.30 -19.61 37.92
C GLN C 76 28.03 -21.08 37.62
N LYS C 77 26.77 -21.47 37.48
CA LYS C 77 26.40 -22.82 37.10
C LYS C 77 26.37 -23.00 35.59
N GLN C 78 25.75 -22.06 34.88
CA GLN C 78 25.65 -22.17 33.43
C GLN C 78 27.01 -22.04 32.75
N PHE C 79 27.91 -21.26 33.34
CA PHE C 79 29.22 -21.02 32.73
C PHE C 79 30.33 -21.79 33.42
N ASN C 80 30.01 -22.69 34.34
CA ASN C 80 30.99 -23.60 34.95
C ASN C 80 32.18 -22.86 35.54
N GLY C 81 31.95 -21.66 36.08
CA GLY C 81 32.97 -20.93 36.81
C GLY C 81 33.42 -19.65 36.16
N LEU C 82 33.00 -19.34 34.93
CA LEU C 82 33.43 -18.10 34.29
C LEU C 82 32.79 -16.90 34.98
N SER C 83 33.52 -15.79 34.99
CA SER C 83 33.17 -14.61 35.78
C SER C 83 32.58 -13.53 34.87
N VAL C 84 31.25 -13.56 34.72
CA VAL C 84 30.51 -12.57 33.94
C VAL C 84 29.86 -11.59 34.89
N PRO C 85 30.12 -10.29 34.76
CA PRO C 85 29.50 -9.33 35.68
C PRO C 85 28.03 -9.07 35.37
N ILE C 86 27.29 -8.74 36.41
CA ILE C 86 25.89 -8.32 36.30
C ILE C 86 25.80 -6.88 36.79
N LEU C 87 25.34 -5.99 35.92
CA LEU C 87 25.36 -4.55 36.20
C LEU C 87 23.94 -4.02 36.28
N GLN C 88 23.67 -3.22 37.30
CA GLN C 88 22.40 -2.54 37.42
C GLN C 88 22.41 -1.24 36.64
N HIS C 89 21.24 -0.86 36.12
CA HIS C 89 21.15 0.38 35.35
C HIS C 89 20.91 1.56 36.27
N PRO C 90 21.70 2.63 36.16
CA PRO C 90 21.48 3.79 37.06
C PRO C 90 20.18 4.52 36.81
N ASP C 91 19.59 4.41 35.62
CA ASP C 91 18.34 5.09 35.30
C ASP C 91 17.13 4.18 35.37
N LEU C 92 17.27 2.92 34.95
CA LEU C 92 16.19 1.94 35.02
C LEU C 92 16.50 1.04 36.23
N GLN C 93 15.89 1.38 37.38
CA GLN C 93 16.24 0.73 38.63
C GLN C 93 15.86 -0.74 38.67
N ASP C 94 14.93 -1.18 37.84
CA ASP C 94 14.44 -2.55 37.87
C ASP C 94 14.97 -3.37 36.69
N VAL C 95 16.18 -3.06 36.22
CA VAL C 95 16.76 -3.72 35.05
C VAL C 95 18.20 -4.10 35.36
N LEU C 96 18.55 -5.35 35.09
CA LEU C 96 19.91 -5.85 35.20
C LEU C 96 20.53 -6.01 33.81
N LEU C 97 21.84 -5.84 33.73
CA LEU C 97 22.56 -5.89 32.47
C LEU C 97 23.66 -6.94 32.55
N ILE C 98 23.72 -7.81 31.54
CA ILE C 98 24.71 -8.87 31.45
C ILE C 98 25.40 -8.78 30.09
N PRO C 99 26.70 -8.51 30.03
CA PRO C 99 27.37 -8.37 28.73
C PRO C 99 27.47 -9.69 28.00
N VAL C 100 27.29 -9.64 26.68
CA VAL C 100 27.41 -10.82 25.84
C VAL C 100 28.88 -11.08 25.53
N ILE C 101 29.28 -12.34 25.57
CA ILE C 101 30.64 -12.74 25.26
C ILE C 101 30.66 -13.25 23.82
N GLY C 102 31.29 -12.47 22.93
CA GLY C 102 31.37 -12.83 21.54
C GLY C 102 31.57 -11.62 20.65
N PRO C 103 31.55 -11.82 19.33
CA PRO C 103 31.35 -13.12 18.69
C PRO C 103 32.65 -13.91 18.56
N ARG C 104 32.57 -15.23 18.73
CA ARG C 104 33.73 -16.11 18.66
C ARG C 104 33.87 -16.66 17.25
N LYS C 105 35.09 -16.56 16.70
CA LYS C 105 35.33 -16.92 15.30
C LYS C 105 35.95 -18.30 15.12
N ASN C 106 36.70 -18.80 16.10
CA ASN C 106 37.47 -20.02 15.94
C ASN C 106 36.67 -21.28 16.27
N ILE C 107 35.35 -21.23 16.18
CA ILE C 107 34.52 -22.39 16.46
C ILE C 107 34.60 -23.35 15.28
N LYS C 108 35.08 -24.56 15.52
CA LYS C 108 35.24 -25.53 14.45
C LYS C 108 33.89 -26.10 14.04
N LYS C 109 33.61 -26.06 12.74
CA LYS C 109 32.36 -26.60 12.22
C LYS C 109 32.42 -28.12 12.20
N GLN C 110 31.27 -28.75 12.47
CA GLN C 110 31.17 -30.20 12.53
C GLN C 110 30.46 -30.73 11.28
N GLN C 111 30.85 -31.95 10.88
CA GLN C 111 30.18 -32.60 9.76
C GLN C 111 28.73 -32.92 10.10
N CYS C 112 28.44 -33.25 11.36
CA CYS C 112 27.08 -33.48 11.81
C CYS C 112 26.42 -32.13 12.11
N GLU C 113 25.35 -31.82 11.39
CA GLU C 113 24.73 -30.50 11.44
C GLU C 113 23.27 -30.61 11.87
N ALA C 114 22.73 -29.45 12.26
CA ALA C 114 21.31 -29.31 12.59
C ALA C 114 20.84 -27.97 12.07
N ILE C 115 19.63 -27.95 11.52
CA ILE C 115 19.01 -26.73 10.99
C ILE C 115 17.85 -26.37 11.90
N VAL C 116 17.67 -25.06 12.14
CA VAL C 116 16.63 -24.56 13.01
C VAL C 116 15.91 -23.41 12.31
N GLY C 117 14.69 -23.13 12.79
CA GLY C 117 13.93 -22.02 12.25
C GLY C 117 14.59 -20.69 12.54
N ALA C 118 14.18 -19.68 11.78
CA ALA C 118 14.80 -18.36 11.89
C ALA C 118 14.59 -17.76 13.28
N GLN C 119 13.41 -17.95 13.86
CA GLN C 119 13.14 -17.40 15.18
C GLN C 119 13.89 -18.15 16.27
N CYS C 120 14.05 -19.48 16.11
CA CYS C 120 14.89 -20.22 17.04
C CYS C 120 16.36 -19.85 16.88
N GLY C 121 16.78 -19.51 15.65
CA GLY C 121 18.15 -19.07 15.46
C GLY C 121 18.47 -17.79 16.20
N ASN C 122 17.49 -16.86 16.25
CA ASN C 122 17.69 -15.63 17.00
C ASN C 122 17.87 -15.92 18.49
N ALA C 123 17.04 -16.79 19.04
CA ALA C 123 17.15 -17.13 20.46
C ALA C 123 18.51 -17.75 20.77
N VAL C 124 18.98 -18.61 19.87
CA VAL C 124 20.32 -19.20 20.02
C VAL C 124 21.38 -18.11 20.09
N LEU C 125 21.31 -17.15 19.17
CA LEU C 125 22.23 -16.02 19.18
C LEU C 125 22.02 -15.12 20.39
N ARG C 126 20.92 -15.30 21.11
CA ARG C 126 20.61 -14.52 22.30
C ARG C 126 20.92 -15.29 23.60
N GLY C 127 21.53 -16.46 23.50
CA GLY C 127 21.90 -17.25 24.66
C GLY C 127 21.03 -18.45 24.94
N ALA C 128 19.99 -18.68 24.13
CA ALA C 128 19.08 -19.79 24.38
C ALA C 128 19.65 -21.09 23.82
N HIS C 129 19.07 -22.20 24.29
CA HIS C 129 19.36 -23.52 23.75
C HIS C 129 18.35 -23.87 22.67
N VAL C 130 18.64 -24.94 21.94
CA VAL C 130 17.73 -25.44 20.91
C VAL C 130 16.84 -26.49 21.52
N TYR C 131 15.54 -26.22 21.55
CA TYR C 131 14.54 -27.19 21.98
C TYR C 131 13.94 -27.87 20.76
N ALA C 132 13.39 -29.06 20.99
CA ALA C 132 12.92 -29.91 19.89
C ALA C 132 11.98 -29.22 18.91
N PRO C 133 11.00 -28.41 19.32
CA PRO C 133 10.12 -27.76 18.33
C PRO C 133 10.84 -26.81 17.39
N GLY C 134 12.06 -26.39 17.69
CA GLY C 134 12.79 -25.48 16.85
C GLY C 134 13.66 -26.10 15.78
N ILE C 135 13.78 -27.42 15.73
CA ILE C 135 14.65 -28.09 14.78
C ILE C 135 13.83 -28.43 13.53
N VAL C 136 14.31 -27.99 12.37
CA VAL C 136 13.60 -28.23 11.11
C VAL C 136 14.23 -29.38 10.35
N SER C 137 15.53 -29.61 10.57
CA SER C 137 16.20 -30.75 9.95
C SER C 137 17.53 -31.01 10.66
N ALA C 138 18.06 -32.21 10.44
CA ALA C 138 19.30 -32.63 11.05
C ALA C 138 19.90 -33.76 10.20
N SER C 139 21.12 -34.15 10.54
CA SER C 139 21.78 -35.23 9.82
C SER C 139 21.00 -36.53 9.96
N GLN C 140 20.95 -37.30 8.87
CA GLN C 140 20.04 -38.43 8.79
C GLN C 140 20.31 -39.48 9.85
N PHE C 141 21.57 -39.65 10.26
CA PHE C 141 21.94 -40.71 11.20
C PHE C 141 22.52 -40.15 12.50
N MET C 142 22.11 -38.94 12.88
CA MET C 142 22.61 -38.34 14.12
C MET C 142 21.96 -38.99 15.33
N LYS C 143 22.77 -39.25 16.35
CA LYS C 143 22.32 -39.88 17.59
C LYS C 143 22.37 -38.87 18.72
N ALA C 144 21.64 -39.18 19.80
CA ALA C 144 21.64 -38.30 20.97
C ALA C 144 23.00 -38.38 21.66
N GLY C 145 23.70 -37.24 21.72
CA GLY C 145 25.01 -37.16 22.33
C GLY C 145 26.11 -36.68 21.41
N ASP C 146 25.87 -36.58 20.10
CA ASP C 146 26.92 -36.13 19.19
C ASP C 146 27.20 -34.63 19.38
N VAL C 147 28.40 -34.24 18.97
CA VAL C 147 28.76 -32.82 18.87
C VAL C 147 28.28 -32.32 17.51
N ILE C 148 27.36 -31.36 17.53
CA ILE C 148 26.61 -30.98 16.34
C ILE C 148 26.69 -29.47 16.13
N SER C 149 26.72 -29.09 14.86
CA SER C 149 26.79 -27.69 14.46
C SER C 149 25.39 -27.20 14.10
N VAL C 150 24.94 -26.14 14.75
CA VAL C 150 23.58 -25.62 14.58
C VAL C 150 23.63 -24.46 13.60
N TYR C 151 22.89 -24.59 12.50
CA TYR C 151 22.67 -23.52 11.54
C TYR C 151 21.20 -23.10 11.58
N SER C 152 20.95 -21.88 11.14
CA SER C 152 19.60 -21.32 11.14
C SER C 152 19.16 -21.04 9.71
N ASP C 153 17.96 -21.52 9.37
CA ASP C 153 17.34 -21.22 8.08
C ASP C 153 16.75 -19.81 8.18
N ILE C 154 17.57 -18.82 7.83
CA ILE C 154 17.18 -17.42 8.04
C ILE C 154 15.96 -17.05 7.21
N LYS C 155 15.83 -17.64 6.02
CA LYS C 155 14.72 -17.32 5.13
C LYS C 155 13.49 -18.19 5.34
N GLY C 156 13.59 -19.24 6.15
CA GLY C 156 12.46 -20.14 6.35
C GLY C 156 12.12 -20.97 5.13
N LYS C 157 13.11 -21.28 4.30
CA LYS C 157 12.87 -22.06 3.09
C LYS C 157 13.00 -23.56 3.30
N CYS C 158 13.58 -24.00 4.40
CA CYS C 158 13.76 -25.42 4.67
C CYS C 158 12.47 -26.01 5.20
N LYS C 159 11.93 -27.00 4.49
CA LYS C 159 10.77 -27.72 4.98
C LYS C 159 11.16 -28.57 6.18
N LYS C 160 10.25 -28.68 7.15
CA LYS C 160 10.55 -29.42 8.36
C LYS C 160 10.68 -30.91 8.05
N GLY C 161 11.79 -31.51 8.47
CA GLY C 161 12.08 -32.89 8.16
C GLY C 161 12.89 -33.11 6.91
N ALA C 162 13.44 -32.05 6.31
CA ALA C 162 14.20 -32.19 5.07
C ALA C 162 15.49 -32.96 5.32
N LYS C 163 15.79 -33.91 4.42
CA LYS C 163 17.03 -34.67 4.54
C LYS C 163 18.24 -33.86 4.11
N GLU C 164 18.05 -32.82 3.32
CA GLU C 164 19.14 -31.95 2.89
C GLU C 164 18.58 -30.56 2.65
N PHE C 165 19.42 -29.55 2.90
CA PHE C 165 19.03 -28.15 2.71
C PHE C 165 20.20 -27.40 2.12
N ASP C 166 20.10 -27.05 0.83
CA ASP C 166 21.12 -26.28 0.14
C ASP C 166 20.89 -24.78 0.23
N GLY C 167 19.87 -24.34 0.96
CA GLY C 167 19.57 -22.92 1.07
C GLY C 167 20.57 -22.15 1.89
N THR C 168 20.17 -20.97 2.36
CA THR C 168 21.07 -20.09 3.09
C THR C 168 21.08 -20.48 4.57
N LYS C 169 22.25 -20.91 5.06
CA LYS C 169 22.45 -21.22 6.46
C LYS C 169 23.42 -20.23 7.07
N VAL C 170 23.26 -19.97 8.36
CA VAL C 170 24.19 -19.16 9.13
C VAL C 170 24.59 -19.93 10.38
N PHE C 171 25.89 -20.06 10.60
CA PHE C 171 26.38 -20.81 11.75
C PHE C 171 25.99 -20.13 13.05
N LEU C 172 25.39 -20.90 13.96
CA LEU C 172 24.99 -20.39 15.26
C LEU C 172 25.91 -20.84 16.40
N GLY C 173 26.68 -21.89 16.20
CA GLY C 173 27.57 -22.41 17.21
C GLY C 173 27.49 -23.93 17.23
N ASN C 174 28.08 -24.52 18.26
CA ASN C 174 28.11 -25.95 18.44
C ASN C 174 27.33 -26.34 19.68
N GLY C 175 26.73 -27.53 19.65
CA GLY C 175 25.96 -28.04 20.76
C GLY C 175 26.07 -29.55 20.85
N ILE C 176 25.52 -30.09 21.93
CA ILE C 176 25.50 -31.53 22.17
C ILE C 176 24.05 -31.98 22.11
N SER C 177 23.75 -32.88 21.17
CA SER C 177 22.38 -33.32 20.95
C SER C 177 21.88 -34.16 22.13
N GLU C 178 20.63 -33.93 22.51
CA GLU C 178 19.98 -34.70 23.56
C GLU C 178 18.88 -35.61 23.02
N LEU C 179 18.59 -35.54 21.73
CA LEU C 179 17.59 -36.39 21.10
C LEU C 179 18.12 -36.85 19.75
N SER C 180 17.88 -38.12 19.41
CA SER C 180 18.29 -38.64 18.13
C SER C 180 17.42 -38.06 17.01
N ARG C 181 17.86 -38.25 15.77
CA ARG C 181 17.10 -37.74 14.63
C ARG C 181 15.76 -38.45 14.50
N LYS C 182 15.74 -39.77 14.68
CA LYS C 182 14.49 -40.51 14.62
C LYS C 182 13.55 -40.11 15.76
N GLU C 183 14.10 -39.77 16.92
CA GLU C 183 13.26 -39.30 18.02
C GLU C 183 12.58 -37.97 17.69
N ILE C 184 13.24 -37.12 16.91
CA ILE C 184 12.68 -35.81 16.61
C ILE C 184 11.59 -35.90 15.55
N PHE C 185 11.86 -36.63 14.46
CA PHE C 185 10.96 -36.69 13.32
C PHE C 185 10.14 -37.98 13.27
N SER C 186 9.98 -38.65 14.41
CA SER C 186 9.16 -39.85 14.47
C SER C 186 8.78 -40.16 15.93
N PRO C 189 5.05 -37.59 17.91
CA PRO C 189 3.96 -36.79 18.49
C PRO C 189 4.28 -35.30 18.50
N GLU C 190 3.78 -34.59 19.52
CA GLU C 190 4.12 -33.19 19.73
C GLU C 190 5.28 -33.10 20.72
N LEU C 191 6.44 -33.59 20.26
CA LEU C 191 7.60 -33.74 21.12
C LEU C 191 8.09 -32.39 21.61
N LYS C 192 8.30 -32.28 22.92
CA LYS C 192 8.83 -31.08 23.54
C LYS C 192 9.91 -31.47 24.53
N GLY C 193 10.85 -30.56 24.76
CA GLY C 193 12.00 -30.84 25.61
C GLY C 193 13.28 -30.34 25.00
N MET C 194 14.41 -30.59 25.66
CA MET C 194 15.70 -30.11 25.17
C MET C 194 16.11 -30.88 23.91
N GLY C 195 16.38 -30.15 22.83
CA GLY C 195 16.81 -30.77 21.60
C GLY C 195 18.31 -30.81 21.43
N ILE C 196 18.95 -29.64 21.51
CA ILE C 196 20.40 -29.52 21.39
C ILE C 196 20.91 -28.60 22.50
N ARG C 197 21.67 -29.16 23.43
CA ARG C 197 22.28 -28.36 24.49
C ARG C 197 23.41 -27.53 23.91
N MET C 198 23.17 -26.22 23.75
CA MET C 198 24.19 -25.34 23.19
C MET C 198 25.37 -25.23 24.15
N THR C 199 26.53 -25.74 23.73
CA THR C 199 27.73 -25.70 24.55
C THR C 199 28.79 -24.77 24.02
N GLU C 200 28.83 -24.52 22.71
CA GLU C 200 29.86 -23.69 22.08
C GLU C 200 29.19 -22.70 21.13
N PRO C 201 28.46 -21.72 21.65
CA PRO C 201 27.78 -20.77 20.77
C PRO C 201 28.68 -19.62 20.34
N VAL C 202 28.31 -19.02 19.21
CA VAL C 202 29.06 -17.86 18.71
C VAL C 202 28.97 -16.72 19.70
N TYR C 203 27.76 -16.46 20.21
CA TYR C 203 27.54 -15.48 21.28
C TYR C 203 27.16 -16.22 22.55
N LEU C 204 27.85 -15.92 23.64
CA LEU C 204 27.61 -16.55 24.93
C LEU C 204 26.74 -15.65 25.78
N SER C 205 25.57 -16.16 26.18
CA SER C 205 24.65 -15.45 27.04
C SER C 205 23.87 -16.48 27.85
N PRO C 206 23.40 -16.12 29.05
CA PRO C 206 22.69 -17.10 29.87
C PRO C 206 21.37 -17.54 29.25
N SER C 207 21.02 -18.78 29.50
CA SER C 207 19.70 -19.29 29.15
C SER C 207 18.70 -18.92 30.24
N PHE C 208 17.50 -18.52 29.83
CA PHE C 208 16.50 -17.99 30.76
C PHE C 208 15.18 -18.73 30.61
N ASP C 209 15.22 -20.06 30.51
CA ASP C 209 13.99 -20.82 30.34
C ASP C 209 13.28 -21.05 31.67
N SER C 210 13.93 -21.79 32.58
CA SER C 210 13.37 -22.09 33.88
C SER C 210 14.00 -21.25 34.99
N VAL C 211 14.56 -20.10 34.64
CA VAL C 211 15.35 -19.31 35.57
C VAL C 211 14.44 -18.26 36.20
N LEU C 212 14.06 -18.51 37.45
CA LEU C 212 13.32 -17.55 38.27
C LEU C 212 12.11 -16.93 37.55
N PRO C 213 11.14 -17.74 37.15
CA PRO C 213 10.00 -17.19 36.39
C PRO C 213 9.20 -16.17 37.16
N ARG C 214 9.16 -16.27 38.49
CA ARG C 214 8.37 -15.33 39.29
C ARG C 214 9.13 -14.04 39.59
N TYR C 215 10.45 -14.03 39.44
CA TYR C 215 11.26 -12.90 39.88
C TYR C 215 11.76 -12.01 38.74
N LEU C 216 11.82 -12.51 37.52
CA LEU C 216 12.39 -11.74 36.42
C LEU C 216 11.59 -11.95 35.14
N PHE C 217 11.81 -11.07 34.18
CA PHE C 217 11.15 -11.10 32.89
C PHE C 217 12.14 -10.62 31.85
N LEU C 218 12.57 -11.52 30.96
CA LEU C 218 13.51 -11.15 29.91
C LEU C 218 12.88 -10.11 28.99
N GLN C 219 13.49 -8.93 28.92
CA GLN C 219 12.92 -7.81 28.18
C GLN C 219 14.03 -6.91 27.68
N ASN C 220 13.88 -6.45 26.44
CA ASN C 220 14.88 -5.54 25.87
C ASN C 220 14.91 -4.22 26.63
N LEU C 221 16.06 -3.56 26.57
CA LEU C 221 16.22 -2.31 27.30
C LEU C 221 15.21 -1.24 26.91
N PRO C 222 14.95 -0.96 25.62
CA PRO C 222 13.93 0.06 25.30
C PRO C 222 12.53 -0.36 25.67
N SER C 223 12.19 -1.65 25.58
CA SER C 223 10.86 -2.10 25.95
C SER C 223 10.60 -1.90 27.44
N ALA C 224 11.61 -2.17 28.27
CA ALA C 224 11.49 -1.86 29.69
C ALA C 224 11.38 -0.37 29.92
N LEU C 225 12.06 0.44 29.10
CA LEU C 225 12.02 1.89 29.27
C LEU C 225 10.62 2.45 29.02
N VAL C 226 9.81 1.77 28.22
CA VAL C 226 8.52 2.30 27.80
C VAL C 226 7.61 2.50 29.00
N SER C 227 7.49 1.47 29.84
CA SER C 227 6.67 1.61 31.04
C SER C 227 7.23 2.66 32.00
N HIS C 228 8.53 2.93 31.92
CA HIS C 228 9.13 3.96 32.76
C HIS C 228 8.78 5.36 32.28
N VAL C 229 8.85 5.60 30.97
CA VAL C 229 8.53 6.93 30.45
C VAL C 229 7.03 7.20 30.54
N LEU C 230 6.21 6.14 30.46
CA LEU C 230 4.78 6.32 30.72
C LEU C 230 4.54 6.77 32.15
N ASN C 231 5.36 6.30 33.08
CA ASN C 231 5.35 6.75 34.47
C ASN C 231 3.98 6.60 35.13
N PRO C 232 3.47 5.37 35.26
CA PRO C 232 2.19 5.18 35.93
C PRO C 232 2.29 5.49 37.42
N GLN C 233 1.15 5.85 38.00
CA GLN C 233 1.05 6.20 39.40
C GLN C 233 0.12 5.23 40.14
N PRO C 234 0.50 4.78 41.33
CA PRO C 234 -0.36 3.84 42.06
C PRO C 234 -1.77 4.40 42.24
N GLY C 235 -2.76 3.54 42.02
CA GLY C 235 -4.15 3.93 42.09
C GLY C 235 -4.75 4.50 40.82
N GLU C 236 -4.01 4.48 39.71
CA GLU C 236 -4.53 4.98 38.45
C GLU C 236 -5.16 3.86 37.63
N LYS C 237 -5.88 4.25 36.58
CA LYS C 237 -6.48 3.33 35.62
C LYS C 237 -5.69 3.42 34.32
N ILE C 238 -5.02 2.33 33.96
CA ILE C 238 -4.11 2.30 32.83
C ILE C 238 -4.65 1.33 31.79
N LEU C 239 -4.22 1.52 30.55
CA LEU C 239 -4.62 0.66 29.44
C LEU C 239 -3.50 0.58 28.42
N ASP C 240 -3.28 -0.62 27.88
CA ASP C 240 -2.49 -0.79 26.66
C ASP C 240 -3.31 -1.64 25.70
N LEU C 241 -3.68 -1.05 24.57
CA LEU C 241 -4.60 -1.70 23.64
C LEU C 241 -4.01 -2.99 23.07
N CYS C 242 -2.69 -3.02 22.90
CA CYS C 242 -1.98 -4.19 22.35
C CYS C 242 -0.96 -4.63 23.41
N ALA C 243 -1.28 -5.63 24.23
CA ALA C 243 -0.48 -5.93 25.41
C ALA C 243 0.22 -7.27 25.39
N ALA C 244 -0.27 -8.25 24.63
CA ALA C 244 0.30 -9.59 24.70
C ALA C 244 1.75 -9.58 24.24
N PRO C 245 2.63 -10.37 24.88
CA PRO C 245 2.32 -11.32 25.95
C PRO C 245 2.27 -10.71 27.35
N GLY C 246 2.40 -9.40 27.45
CA GLY C 246 2.30 -8.72 28.72
C GLY C 246 3.62 -8.28 29.35
N GLY C 247 4.67 -8.12 28.56
CA GLY C 247 5.94 -7.67 29.13
C GLY C 247 5.84 -6.31 29.76
N LYS C 248 5.19 -5.36 29.09
CA LYS C 248 5.00 -4.03 29.64
C LYS C 248 3.78 -3.94 30.54
N THR C 249 2.77 -4.76 30.30
CA THR C 249 1.61 -4.80 31.18
C THR C 249 2.01 -5.17 32.60
N THR C 250 2.75 -6.27 32.76
CA THR C 250 3.26 -6.64 34.06
C THR C 250 4.33 -5.67 34.56
N HIS C 251 4.94 -4.91 33.66
CA HIS C 251 5.86 -3.86 34.10
C HIS C 251 5.09 -2.64 34.63
N ILE C 252 4.04 -2.23 33.92
CA ILE C 252 3.23 -1.10 34.39
C ILE C 252 2.62 -1.42 35.75
N ALA C 253 2.06 -2.62 35.88
CA ALA C 253 1.41 -3.00 37.14
C ALA C 253 2.40 -3.04 38.29
N ALA C 254 3.65 -3.46 38.02
CA ALA C 254 4.65 -3.53 39.08
C ALA C 254 5.07 -2.14 39.55
N LEU C 255 5.19 -1.19 38.63
CA LEU C 255 5.59 0.16 39.01
C LEU C 255 4.58 0.82 39.92
N MET C 256 3.31 0.42 39.83
CA MET C 256 2.26 0.92 40.70
C MET C 256 2.14 0.12 41.99
N HIS C 257 3.10 -0.76 42.27
CA HIS C 257 3.05 -1.67 43.42
C HIS C 257 1.77 -2.51 43.40
N ASP C 258 1.28 -2.80 42.20
CA ASP C 258 0.03 -3.53 41.97
C ASP C 258 -1.17 -2.85 42.62
N GLN C 259 -1.09 -1.54 42.83
CA GLN C 259 -2.17 -0.76 43.42
C GLN C 259 -2.78 0.12 42.34
N GLY C 260 -3.88 -0.35 41.74
CA GLY C 260 -4.54 0.36 40.68
C GLY C 260 -5.30 -0.60 39.80
N GLU C 261 -5.52 -0.19 38.55
CA GLU C 261 -6.22 -1.04 37.58
C GLU C 261 -5.50 -0.95 36.25
N VAL C 262 -5.16 -2.12 35.70
CA VAL C 262 -4.53 -2.22 34.38
C VAL C 262 -5.41 -3.10 33.51
N ILE C 263 -5.90 -2.54 32.41
CA ILE C 263 -6.72 -3.27 31.45
C ILE C 263 -5.87 -3.55 30.23
N ALA C 264 -5.85 -4.82 29.81
CA ALA C 264 -5.02 -5.27 28.70
C ALA C 264 -5.91 -5.87 27.62
N LEU C 265 -5.64 -5.50 26.36
CA LEU C 265 -6.39 -5.99 25.22
C LEU C 265 -5.46 -6.64 24.20
N ASP C 266 -6.02 -7.56 23.42
CA ASP C 266 -5.33 -8.10 22.25
C ASP C 266 -6.34 -8.79 21.36
N LYS C 267 -5.92 -9.09 20.13
CA LYS C 267 -6.83 -9.61 19.13
C LYS C 267 -6.98 -11.13 19.23
N ILE C 268 -5.89 -11.83 19.51
CA ILE C 268 -5.89 -13.29 19.53
C ILE C 268 -6.18 -13.78 20.94
N PHE C 269 -7.03 -14.80 21.03
CA PHE C 269 -7.40 -15.35 22.34
C PHE C 269 -6.19 -15.94 23.07
N ASN C 270 -5.40 -16.75 22.37
CA ASN C 270 -4.27 -17.41 23.01
C ASN C 270 -3.25 -16.41 23.52
N LYS C 271 -3.09 -15.28 22.82
CA LYS C 271 -2.15 -14.26 23.27
C LYS C 271 -2.65 -13.58 24.54
N VAL C 272 -3.96 -13.40 24.68
CA VAL C 272 -4.51 -12.81 25.89
C VAL C 272 -4.29 -13.74 27.08
N GLU C 273 -4.37 -15.05 26.87
CA GLU C 273 -4.15 -16.00 27.95
C GLU C 273 -2.73 -15.92 28.49
N LYS C 274 -1.75 -15.59 27.64
CA LYS C 274 -0.39 -15.43 28.11
C LYS C 274 -0.27 -14.23 29.04
N ILE C 275 -1.07 -13.18 28.82
CA ILE C 275 -1.09 -12.05 29.74
C ILE C 275 -1.58 -12.49 31.10
N LYS C 276 -2.67 -13.25 31.13
CA LYS C 276 -3.20 -13.75 32.39
C LYS C 276 -2.22 -14.70 33.07
N GLN C 277 -1.58 -15.57 32.28
CA GLN C 277 -0.59 -16.48 32.86
C GLN C 277 0.61 -15.73 33.41
N ASN C 278 1.08 -14.70 32.70
CA ASN C 278 2.20 -13.92 33.18
C ASN C 278 1.81 -13.07 34.39
N ALA C 279 0.60 -12.53 34.39
CA ALA C 279 0.14 -11.72 35.52
C ALA C 279 0.06 -12.56 36.79
N LEU C 280 -0.49 -13.77 36.68
CA LEU C 280 -0.55 -14.67 37.82
C LEU C 280 0.84 -15.13 38.22
N LEU C 281 1.72 -15.37 37.24
CA LEU C 281 3.06 -15.87 37.54
C LEU C 281 3.86 -14.88 38.35
N LEU C 282 3.80 -13.60 38.00
CA LEU C 282 4.59 -12.57 38.68
C LEU C 282 3.89 -12.00 39.90
N GLY C 283 2.71 -12.53 40.26
CA GLY C 283 2.03 -12.13 41.47
C GLY C 283 1.17 -10.90 41.37
N LEU C 284 1.02 -10.32 40.18
CA LEU C 284 0.17 -9.14 40.03
C LEU C 284 -1.30 -9.53 40.06
N ASN C 285 -2.08 -8.73 40.77
CA ASN C 285 -3.52 -8.93 40.86
C ASN C 285 -4.32 -7.82 40.20
N SER C 286 -3.69 -6.71 39.84
CA SER C 286 -4.38 -5.55 39.28
C SER C 286 -4.48 -5.59 37.76
N ILE C 287 -4.15 -6.72 37.13
CA ILE C 287 -4.19 -6.86 35.68
C ILE C 287 -5.42 -7.67 35.31
N ARG C 288 -6.23 -7.13 34.40
CA ARG C 288 -7.42 -7.81 33.89
C ARG C 288 -7.39 -7.70 32.37
N ALA C 289 -7.18 -8.83 31.70
CA ALA C 289 -6.97 -8.85 30.26
C ALA C 289 -8.20 -9.34 29.52
N PHE C 290 -8.45 -8.74 28.36
CA PHE C 290 -9.60 -9.08 27.54
C PHE C 290 -9.17 -9.26 26.08
N CYS C 291 -9.86 -10.17 25.39
CA CYS C 291 -9.68 -10.34 23.95
C CYS C 291 -10.65 -9.40 23.24
N PHE C 292 -10.11 -8.41 22.54
CA PHE C 292 -10.94 -7.36 21.96
C PHE C 292 -10.16 -6.63 20.88
N ASP C 293 -10.84 -6.30 19.78
CA ASP C 293 -10.26 -5.47 18.74
C ASP C 293 -10.08 -4.07 19.29
N GLY C 294 -8.81 -3.64 19.44
CA GLY C 294 -8.53 -2.37 20.08
C GLY C 294 -9.06 -1.18 19.29
N THR C 295 -9.25 -1.34 17.98
CA THR C 295 -9.79 -0.26 17.17
C THR C 295 -11.26 -0.01 17.45
N LYS C 296 -11.95 -0.96 18.08
CA LYS C 296 -13.36 -0.81 18.43
C LYS C 296 -13.55 -0.62 19.93
N ALA C 297 -12.51 -0.14 20.63
CA ALA C 297 -12.53 -0.08 22.09
C ALA C 297 -13.40 1.06 22.63
N VAL C 298 -13.83 1.99 21.79
CA VAL C 298 -14.62 3.13 22.24
C VAL C 298 -16.09 2.74 22.27
N LYS C 299 -16.73 2.94 23.42
CA LYS C 299 -18.13 2.60 23.62
C LYS C 299 -19.02 3.76 23.23
N LEU C 300 -20.17 3.46 22.62
CA LEU C 300 -21.09 4.48 22.14
C LEU C 300 -22.49 4.36 22.71
N ASP C 301 -22.91 3.18 23.16
CA ASP C 301 -24.26 3.01 23.68
C ASP C 301 -24.31 3.40 25.16
N MET C 302 -25.51 3.31 25.73
CA MET C 302 -25.77 3.70 27.13
C MET C 302 -25.29 5.12 27.41
N GLU C 309 -15.75 -4.58 31.09
CA GLU C 309 -15.39 -5.25 29.85
C GLU C 309 -15.53 -4.28 28.67
N PRO C 310 -14.70 -4.47 27.64
CA PRO C 310 -14.73 -3.54 26.51
C PRO C 310 -16.04 -3.64 25.76
N PRO C 311 -16.46 -2.57 25.06
CA PRO C 311 -15.76 -1.28 24.94
C PRO C 311 -15.96 -0.37 26.14
N PHE C 312 -15.07 0.61 26.30
CA PHE C 312 -15.09 1.53 27.42
C PHE C 312 -15.54 2.92 26.99
N LEU C 313 -16.06 3.68 27.95
CA LEU C 313 -16.49 5.04 27.67
C LEU C 313 -15.31 5.94 27.34
N PRO C 314 -15.53 7.00 26.56
CA PRO C 314 -14.43 7.94 26.28
C PRO C 314 -14.00 8.67 27.53
N GLU C 315 -12.73 9.07 27.54
CA GLU C 315 -12.11 9.79 28.65
C GLU C 315 -12.28 9.03 29.96
N SER C 316 -11.80 7.78 29.95
CA SER C 316 -11.94 6.89 31.09
C SER C 316 -10.63 6.41 31.68
N PHE C 317 -9.51 6.54 30.98
CA PHE C 317 -8.23 6.03 31.44
C PHE C 317 -7.27 7.18 31.73
N ASP C 318 -6.57 7.09 32.86
CA ASP C 318 -5.59 8.10 33.21
C ASP C 318 -4.43 8.10 32.22
N ARG C 319 -3.87 6.93 31.94
CA ARG C 319 -2.77 6.78 31.00
C ARG C 319 -3.07 5.62 30.07
N ILE C 320 -2.67 5.77 28.81
CA ILE C 320 -2.86 4.74 27.79
C ILE C 320 -1.53 4.49 27.10
N LEU C 321 -1.17 3.22 26.96
CA LEU C 321 0.03 2.81 26.23
C LEU C 321 -0.37 2.20 24.90
N LEU C 322 0.32 2.60 23.83
CA LEU C 322 0.11 2.02 22.51
C LEU C 322 1.44 1.45 22.03
N ASP C 323 1.73 0.22 22.43
CA ASP C 323 2.82 -0.56 21.84
C ASP C 323 2.25 -1.19 20.57
N ALA C 324 2.09 -0.35 19.55
CA ALA C 324 1.31 -0.70 18.39
C ALA C 324 1.97 -1.84 17.61
N PRO C 325 1.18 -2.65 16.91
CA PRO C 325 1.76 -3.62 15.98
C PRO C 325 2.59 -2.90 14.92
N CYS C 326 3.72 -3.52 14.57
CA CYS C 326 4.75 -2.87 13.78
C CYS C 326 5.26 -3.83 12.72
N SER C 327 6.15 -3.32 11.88
CA SER C 327 6.86 -4.19 10.93
C SER C 327 7.99 -4.96 11.59
N GLY C 328 8.31 -4.66 12.84
CA GLY C 328 9.33 -5.40 13.58
C GLY C 328 10.73 -5.25 13.06
N MET C 329 10.98 -4.30 12.14
CA MET C 329 12.28 -4.16 11.50
C MET C 329 13.35 -3.60 12.42
N GLY C 330 13.04 -3.37 13.69
CA GLY C 330 14.04 -3.04 14.69
C GLY C 330 14.50 -4.23 15.50
N GLN C 331 14.15 -5.42 15.07
CA GLN C 331 14.54 -6.66 15.79
C GLN C 331 16.02 -6.94 15.65
N ARG C 332 16.64 -7.47 16.69
CA ARG C 332 18.04 -7.88 16.63
C ARG C 332 18.22 -9.12 17.50
N PRO C 333 18.86 -10.18 16.97
CA PRO C 333 19.38 -10.24 15.60
C PRO C 333 18.30 -10.51 14.54
N ASN C 334 18.48 -9.93 13.35
CA ASN C 334 17.55 -10.14 12.24
C ASN C 334 18.39 -10.23 10.97
N MET C 335 18.53 -11.45 10.45
CA MET C 335 19.39 -11.71 9.30
C MET C 335 18.66 -11.69 7.98
N ALA C 336 17.39 -12.11 7.96
CA ALA C 336 16.64 -12.23 6.72
C ALA C 336 15.21 -11.78 6.94
N CYS C 337 14.76 -10.85 6.10
CA CYS C 337 13.37 -10.41 6.11
C CYS C 337 12.78 -10.75 4.74
N THR C 338 11.93 -11.77 4.70
CA THR C 338 11.30 -12.24 3.47
C THR C 338 9.93 -11.60 3.25
N TRP C 339 9.80 -10.35 3.65
CA TRP C 339 8.52 -9.65 3.62
C TRP C 339 8.32 -8.92 2.30
N SER C 340 7.07 -8.57 2.04
CA SER C 340 6.70 -7.76 0.89
C SER C 340 6.96 -6.28 1.19
N VAL C 341 6.66 -5.43 0.21
CA VAL C 341 6.55 -4.01 0.48
C VAL C 341 5.16 -3.66 1.01
N LYS C 342 4.13 -4.39 0.56
CA LYS C 342 2.80 -4.25 1.14
C LYS C 342 2.78 -4.77 2.57
N GLU C 343 3.59 -5.79 2.88
CA GLU C 343 3.63 -6.33 4.23
C GLU C 343 4.32 -5.39 5.20
N VAL C 344 5.31 -4.62 4.74
CA VAL C 344 5.98 -3.67 5.61
C VAL C 344 5.08 -2.48 5.91
N ALA C 345 4.42 -1.94 4.89
CA ALA C 345 3.48 -0.85 5.05
C ALA C 345 2.11 -1.31 5.51
N SER C 346 2.00 -2.56 5.99
CA SER C 346 0.72 -3.11 6.38
C SER C 346 0.14 -2.44 7.62
N TYR C 347 0.96 -1.80 8.45
CA TYR C 347 0.55 -1.42 9.80
C TYR C 347 0.20 0.04 9.96
N GLN C 348 0.57 0.89 9.01
CA GLN C 348 0.28 2.33 9.15
C GLN C 348 -1.21 2.62 9.32
N PRO C 349 -2.13 2.05 8.52
CA PRO C 349 -3.55 2.28 8.80
C PRO C 349 -4.00 1.73 10.14
N LEU C 350 -3.50 0.55 10.53
CA LEU C 350 -3.91 -0.05 11.80
C LEU C 350 -3.38 0.76 12.97
N GLN C 351 -2.16 1.29 12.86
CA GLN C 351 -1.59 2.09 13.95
C GLN C 351 -2.40 3.36 14.17
N ARG C 352 -2.81 4.01 13.09
CA ARG C 352 -3.59 5.24 13.22
C ARG C 352 -4.99 4.96 13.78
N LYS C 353 -5.60 3.84 13.36
CA LYS C 353 -6.91 3.49 13.88
C LYS C 353 -6.86 3.21 15.38
N LEU C 354 -5.82 2.50 15.83
CA LEU C 354 -5.64 2.27 17.26
C LEU C 354 -5.33 3.58 17.98
N PHE C 355 -4.60 4.47 17.32
CA PHE C 355 -4.30 5.78 17.91
C PHE C 355 -5.58 6.59 18.13
N THR C 356 -6.49 6.57 17.17
CA THR C 356 -7.70 7.38 17.26
C THR C 356 -8.56 6.97 18.46
N ALA C 357 -8.63 5.66 18.74
CA ALA C 357 -9.38 5.20 19.90
C ALA C 357 -8.67 5.56 21.21
N ALA C 358 -7.34 5.56 21.21
CA ALA C 358 -6.59 5.88 22.43
C ALA C 358 -6.80 7.32 22.85
N VAL C 359 -6.81 8.25 21.89
CA VAL C 359 -7.04 9.66 22.22
C VAL C 359 -8.43 9.86 22.79
N GLN C 360 -9.42 9.09 22.29
CA GLN C 360 -10.78 9.23 22.77
C GLN C 360 -10.96 8.61 24.16
N LEU C 361 -10.30 7.48 24.43
CA LEU C 361 -10.40 6.85 25.74
C LEU C 361 -9.55 7.55 26.80
N LEU C 362 -8.69 8.49 26.41
CA LEU C 362 -7.79 9.13 27.34
C LEU C 362 -8.49 10.26 28.08
N LYS C 363 -8.25 10.34 29.39
CA LYS C 363 -8.77 11.45 30.18
C LYS C 363 -8.05 12.74 29.81
N PRO C 364 -8.71 13.89 30.00
CA PRO C 364 -7.98 15.17 29.89
C PRO C 364 -6.83 15.21 30.87
N GLU C 365 -5.71 15.79 30.43
CA GLU C 365 -4.44 15.77 31.15
C GLU C 365 -3.90 14.36 31.34
N GLY C 366 -4.36 13.41 30.51
CA GLY C 366 -3.81 12.08 30.53
C GLY C 366 -2.59 11.95 29.64
N VAL C 367 -1.75 10.97 29.94
CA VAL C 367 -0.49 10.76 29.24
C VAL C 367 -0.61 9.54 28.34
N LEU C 368 -0.28 9.71 27.07
CA LEU C 368 -0.30 8.63 26.08
C LEU C 368 1.11 8.44 25.54
N VAL C 369 1.55 7.19 25.50
CA VAL C 369 2.88 6.84 25.00
C VAL C 369 2.72 5.93 23.79
N TYR C 370 3.41 6.28 22.70
CA TYR C 370 3.37 5.53 21.45
C TYR C 370 4.70 4.83 21.27
N SER C 371 4.68 3.51 21.15
CA SER C 371 5.88 2.70 21.03
C SER C 371 5.78 1.75 19.85
N THR C 372 6.89 1.56 19.14
CA THR C 372 6.98 0.62 18.04
C THR C 372 8.28 -0.14 18.13
N CYS C 373 8.33 -1.29 17.47
CA CYS C 373 9.52 -2.12 17.38
C CYS C 373 10.22 -1.96 16.03
N THR C 374 9.86 -0.96 15.24
CA THR C 374 10.39 -0.80 13.90
C THR C 374 11.19 0.49 13.78
N ILE C 375 11.85 0.64 12.63
CA ILE C 375 12.72 1.78 12.34
C ILE C 375 12.20 2.65 11.23
N THR C 376 11.09 2.26 10.59
CA THR C 376 10.58 3.02 9.45
C THR C 376 10.08 4.39 9.89
N LEU C 377 10.41 5.41 9.10
CA LEU C 377 9.90 6.75 9.37
C LEU C 377 8.38 6.82 9.29
N ALA C 378 7.77 5.98 8.45
CA ALA C 378 6.33 6.04 8.25
C ALA C 378 5.56 5.64 9.51
N GLU C 379 6.10 4.71 10.30
CA GLU C 379 5.42 4.26 11.51
C GLU C 379 5.84 4.99 12.78
N ASN C 380 6.89 5.81 12.74
CA ASN C 380 7.38 6.48 13.94
C ASN C 380 7.26 7.99 13.88
N GLU C 381 8.01 8.66 13.01
CA GLU C 381 8.01 10.12 13.02
C GLU C 381 6.86 10.68 12.20
N GLU C 382 6.45 9.95 11.16
CA GLU C 382 5.32 10.36 10.35
C GLU C 382 3.99 10.19 11.09
N GLN C 383 3.96 9.35 12.12
CA GLN C 383 2.72 9.17 12.88
C GLN C 383 2.55 10.23 13.96
N VAL C 384 3.64 10.66 14.59
CA VAL C 384 3.52 11.73 15.58
C VAL C 384 3.26 13.05 14.88
N ALA C 385 3.72 13.21 13.64
CA ALA C 385 3.34 14.38 12.86
C ALA C 385 1.85 14.36 12.53
N TRP C 386 1.33 13.19 12.13
CA TRP C 386 -0.08 13.07 11.81
C TRP C 386 -0.96 13.21 13.04
N ALA C 387 -0.50 12.72 14.20
CA ALA C 387 -1.32 12.76 15.41
C ALA C 387 -1.43 14.18 15.96
N LEU C 388 -0.34 14.95 15.87
CA LEU C 388 -0.35 16.30 16.43
C LEU C 388 -1.22 17.26 15.65
N THR C 389 -1.47 16.99 14.37
CA THR C 389 -2.36 17.82 13.56
C THR C 389 -3.79 17.29 13.51
N LYS C 390 -3.96 15.96 13.56
CA LYS C 390 -5.30 15.39 13.60
C LYS C 390 -5.94 15.53 14.97
N PHE C 391 -5.14 15.48 16.03
CA PHE C 391 -5.61 15.61 17.41
C PHE C 391 -4.99 16.86 18.02
N PRO C 392 -5.67 18.01 17.94
CA PRO C 392 -5.11 19.24 18.52
C PRO C 392 -5.03 19.21 20.03
N CYS C 393 -5.80 18.36 20.70
CA CYS C 393 -5.79 18.28 22.16
C CYS C 393 -4.52 17.62 22.70
N LEU C 394 -3.66 17.11 21.83
CA LEU C 394 -2.43 16.46 22.25
C LEU C 394 -1.27 17.46 22.31
N GLN C 395 -0.26 17.10 23.09
CA GLN C 395 0.92 17.94 23.28
C GLN C 395 2.13 17.03 23.46
N LEU C 396 3.13 17.20 22.62
CA LEU C 396 4.33 16.36 22.72
C LEU C 396 5.09 16.70 24.00
N GLN C 397 5.41 15.67 24.78
CA GLN C 397 6.05 15.88 26.07
C GLN C 397 7.45 15.29 26.09
N PRO C 398 8.40 15.92 26.78
CA PRO C 398 9.70 15.30 26.98
C PRO C 398 9.58 14.09 27.88
N GLN C 399 10.41 13.09 27.61
CA GLN C 399 10.35 11.82 28.32
C GLN C 399 11.47 11.71 29.34
N GLU C 400 11.25 10.85 30.33
CA GLU C 400 12.20 10.62 31.41
C GLU C 400 12.13 9.15 31.83
N PRO C 401 13.26 8.42 31.80
CA PRO C 401 14.60 8.87 31.43
C PRO C 401 14.78 9.05 29.92
N GLN C 402 15.81 9.81 29.55
CA GLN C 402 16.19 10.01 28.15
C GLN C 402 17.38 9.10 27.87
N ILE C 403 17.10 7.92 27.31
CA ILE C 403 18.14 6.91 27.10
C ILE C 403 18.65 6.96 25.68
N GLY C 404 17.75 6.83 24.71
CA GLY C 404 18.11 6.74 23.31
C GLY C 404 18.43 8.09 22.70
N GLY C 405 18.48 8.10 21.36
CA GLY C 405 18.79 9.30 20.60
C GLY C 405 17.54 10.05 20.17
N GLU C 406 17.78 11.16 19.46
CA GLU C 406 16.71 12.02 19.00
C GLU C 406 15.90 11.33 17.90
N GLY C 407 14.79 11.97 17.52
CA GLY C 407 14.00 11.48 16.41
C GLY C 407 14.66 11.73 15.08
N MET C 408 14.21 10.99 14.07
CA MET C 408 14.76 11.10 12.73
C MET C 408 14.06 12.22 11.94
N ARG C 409 14.86 13.00 11.21
CA ARG C 409 14.28 14.01 10.33
C ARG C 409 13.60 13.35 9.15
N GLY C 410 12.57 14.03 8.63
CA GLY C 410 11.86 13.55 7.47
C GLY C 410 10.36 13.63 7.61
N ALA C 411 9.87 13.95 8.81
CA ALA C 411 8.45 14.06 9.07
C ALA C 411 8.00 15.52 9.20
N GLY C 412 8.83 16.47 8.80
CA GLY C 412 8.48 17.87 8.95
C GLY C 412 8.28 18.28 10.40
N LEU C 413 9.08 17.74 11.30
CA LEU C 413 8.95 17.99 12.73
C LEU C 413 10.04 18.94 13.20
N SER C 414 9.78 19.55 14.36
CA SER C 414 10.71 20.52 14.92
C SER C 414 11.99 19.84 15.40
N CYS C 415 12.99 20.67 15.71
CA CYS C 415 14.15 20.18 16.44
C CYS C 415 13.85 20.07 17.93
N GLU C 416 12.99 20.95 18.45
CA GLU C 416 12.50 20.80 19.82
C GLU C 416 11.65 19.54 19.96
N GLN C 417 10.97 19.13 18.88
CA GLN C 417 10.15 17.93 18.93
C GLN C 417 10.99 16.66 18.76
N LEU C 418 12.03 16.72 17.94
CA LEU C 418 12.88 15.55 17.72
C LEU C 418 13.60 15.15 19.01
N LYS C 419 14.02 16.13 19.81
CA LYS C 419 14.63 15.84 21.10
C LYS C 419 13.64 15.15 22.03
N GLN C 420 12.40 15.63 22.06
CA GLN C 420 11.39 15.04 22.94
C GLN C 420 11.01 13.62 22.54
N LEU C 421 11.60 13.07 21.49
CA LEU C 421 11.38 11.70 21.07
C LEU C 421 12.56 10.83 21.48
N GLN C 422 12.33 9.52 21.47
CA GLN C 422 13.35 8.53 21.79
C GLN C 422 13.42 7.52 20.65
N ARG C 423 14.44 7.62 19.81
CA ARG C 423 14.66 6.69 18.71
C ARG C 423 15.98 5.96 18.95
N PHE C 424 15.91 4.67 19.23
CA PHE C 424 17.11 3.87 19.48
C PHE C 424 17.70 3.43 18.15
N ASP C 425 18.99 3.69 17.97
CA ASP C 425 19.66 3.50 16.69
C ASP C 425 20.76 2.45 16.82
N PRO C 426 20.66 1.33 16.12
CA PRO C 426 21.80 0.39 16.08
C PRO C 426 23.06 1.01 15.49
N SER C 427 22.92 1.91 14.52
CA SER C 427 24.07 2.53 13.86
C SER C 427 24.70 3.66 14.69
N ALA C 428 24.39 3.74 15.98
CA ALA C 428 24.96 4.78 16.83
C ALA C 428 26.37 4.41 17.29
N VAL C 429 26.61 3.14 17.60
CA VAL C 429 27.89 2.69 18.12
C VAL C 429 28.37 1.50 17.30
N PRO C 430 29.66 1.40 16.98
CA PRO C 430 30.17 0.23 16.26
C PRO C 430 29.97 -1.05 17.08
N LEU C 431 29.86 -2.16 16.37
CA LEU C 431 29.62 -3.43 17.02
C LEU C 431 30.85 -3.85 17.84
N PRO C 432 30.68 -4.14 19.13
CA PRO C 432 31.83 -4.54 19.96
C PRO C 432 32.06 -6.04 19.97
N ASP C 433 33.34 -6.41 20.03
CA ASP C 433 33.79 -7.79 20.18
C ASP C 433 34.29 -7.99 21.60
N THR C 434 33.60 -8.84 22.37
CA THR C 434 33.84 -8.96 23.80
C THR C 434 34.36 -10.35 24.12
N ASP C 435 35.64 -10.45 24.44
CA ASP C 435 36.20 -11.59 25.14
C ASP C 435 36.34 -11.22 26.61
N MET C 436 36.47 -12.24 27.45
CA MET C 436 36.36 -12.00 28.89
C MET C 436 37.55 -11.27 29.49
N ASP C 437 38.59 -10.97 28.71
CA ASP C 437 39.58 -9.99 29.14
C ASP C 437 39.24 -8.59 28.68
N SER C 438 38.47 -8.46 27.61
CA SER C 438 37.87 -7.16 27.29
C SER C 438 36.84 -6.75 28.33
N LEU C 439 36.13 -7.72 28.90
CA LEU C 439 35.21 -7.43 30.00
C LEU C 439 35.95 -7.17 31.30
N ARG C 440 37.10 -7.83 31.52
CA ARG C 440 37.87 -7.59 32.72
C ARG C 440 38.41 -6.16 32.75
N GLU C 441 38.86 -5.65 31.60
CA GLU C 441 39.31 -4.27 31.49
C GLU C 441 38.21 -3.47 30.79
N ALA C 442 37.23 -3.05 31.57
CA ALA C 442 36.10 -2.30 31.04
C ALA C 442 35.51 -1.44 32.13
N ARG C 443 35.48 -0.13 31.91
CA ARG C 443 34.89 0.78 32.88
C ARG C 443 33.37 0.68 32.85
N ARG C 444 32.76 0.92 34.02
CA ARG C 444 31.30 0.83 34.11
C ARG C 444 30.62 1.84 33.20
N GLU C 445 31.12 3.07 33.17
CA GLU C 445 30.50 4.10 32.32
C GLU C 445 30.50 3.71 30.85
N ASP C 446 31.47 2.89 30.43
CA ASP C 446 31.52 2.47 29.04
C ASP C 446 30.46 1.42 28.72
N MET C 447 30.26 0.44 29.61
CA MET C 447 29.32 -0.64 29.34
C MET C 447 27.88 -0.14 29.32
N LEU C 448 27.52 0.73 30.26
CA LEU C 448 26.16 1.27 30.26
C LEU C 448 25.90 2.14 29.04
N ARG C 449 26.89 2.96 28.64
CA ARG C 449 26.73 3.74 27.41
C ARG C 449 26.61 2.83 26.20
N LEU C 450 27.26 1.66 26.24
CA LEU C 450 27.11 0.70 25.16
C LEU C 450 25.75 0.01 25.20
N ALA C 451 25.26 -0.29 26.40
CA ALA C 451 23.96 -0.93 26.52
C ALA C 451 22.82 -0.03 26.06
N ASN C 452 22.98 1.29 26.25
CA ASN C 452 21.92 2.23 25.88
C ASN C 452 21.84 2.45 24.37
N LYS C 453 22.96 2.32 23.66
CA LYS C 453 23.02 2.61 22.24
C LYS C 453 23.01 1.37 21.36
N ASP C 454 23.80 0.35 21.71
CA ASP C 454 23.78 -0.93 21.00
C ASP C 454 22.48 -1.62 21.39
N SER C 455 21.39 -1.17 20.77
CA SER C 455 20.04 -1.52 21.16
C SER C 455 19.35 -2.27 20.02
N ILE C 456 18.08 -2.56 20.23
CA ILE C 456 17.20 -2.98 19.15
C ILE C 456 16.51 -1.73 18.61
N GLY C 457 16.18 -1.74 17.32
CA GLY C 457 15.51 -0.61 16.73
C GLY C 457 14.17 -0.34 17.37
N PHE C 458 14.08 0.76 18.12
CA PHE C 458 12.88 1.07 18.90
C PHE C 458 12.57 2.55 18.77
N PHE C 459 11.31 2.88 19.05
CA PHE C 459 10.82 4.25 18.97
C PHE C 459 9.81 4.49 20.08
N ILE C 460 9.95 5.61 20.79
CA ILE C 460 9.05 5.97 21.87
C ILE C 460 8.62 7.43 21.69
N ALA C 461 7.33 7.68 21.81
CA ALA C 461 6.78 9.03 21.75
C ALA C 461 5.72 9.18 22.83
N LYS C 462 5.74 10.29 23.54
CA LYS C 462 4.87 10.53 24.68
C LYS C 462 4.08 11.82 24.46
N PHE C 463 2.78 11.76 24.73
CA PHE C 463 1.89 12.91 24.59
C PHE C 463 1.18 13.18 25.91
N VAL C 464 0.42 14.28 25.93
CA VAL C 464 -0.47 14.61 27.03
C VAL C 464 -1.71 15.27 26.44
N LYS C 465 -2.86 14.96 27.03
CA LYS C 465 -4.12 15.54 26.58
C LYS C 465 -4.38 16.85 27.32
N CYS C 466 -5.15 17.73 26.68
CA CYS C 466 -5.50 19.01 27.26
C CYS C 466 -7.00 19.20 27.43
N LYS C 467 -7.78 19.06 26.35
CA LYS C 467 -9.21 19.30 26.37
C LYS C 467 -9.97 17.99 26.21
N SER C 468 -11.28 18.08 26.09
CA SER C 468 -12.13 16.91 25.94
C SER C 468 -12.45 16.70 24.46
N THR C 469 -13.31 15.70 24.18
CA THR C 469 -13.73 15.36 22.83
C THR C 469 -12.55 15.10 21.90
N SFG E . -16.89 -0.68 -18.66
CA SFG E . -17.66 0.41 -18.13
C SFG E . -17.73 1.48 -19.21
O SFG E . -17.61 2.68 -18.92
OXT SFG E . -17.91 1.16 -20.42
CB SFG E . -17.08 0.95 -16.87
CG SFG E . -16.22 0.00 -16.00
CD SFG E . -15.43 0.88 -14.97
NE SFG E . -14.07 0.88 -15.27
C5' SFG E . -15.66 0.35 -13.53
C4' SFG E . -17.07 0.01 -13.25
O4' SFG E . -17.12 -1.34 -12.29
C3' SFG E . -17.66 0.98 -12.55
O3' SFG E . -18.85 1.43 -13.29
C2' SFG E . -18.06 0.36 -11.19
O2' SFG E . -19.24 0.82 -10.81
C1' SFG E . -18.15 -1.17 -11.51
N9 SFG E . -17.93 -2.03 -10.35
C8 SFG E . -17.11 -1.81 -9.37
N7 SFG E . -17.17 -2.82 -8.53
C5 SFG E . -18.06 -3.71 -8.99
C6 SFG E . -18.55 -4.95 -8.53
N6 SFG E . -18.07 -5.52 -7.30
N1 SFG E . -19.46 -5.56 -9.27
C2 SFG E . -19.92 -5.05 -10.42
N3 SFG E . -19.48 -3.91 -10.86
C4 SFG E . -18.55 -3.20 -10.17
N SFG F . 3.21 -4.70 24.28
CA SFG F . 3.48 -6.08 24.09
C SFG F . 4.70 -6.40 24.93
O SFG F . 4.57 -6.77 26.11
OXT SFG F . 5.88 -6.27 24.45
CB SFG F . 3.73 -6.26 22.63
CG SFG F . 2.58 -5.73 21.72
CD SFG F . 2.92 -5.96 20.21
NE SFG F . 3.91 -5.06 19.81
C5' SFG F . 1.67 -5.81 19.31
C4' SFG F . 0.52 -6.63 19.75
O4' SFG F . -0.88 -5.94 19.24
C3' SFG F . 0.56 -7.85 19.22
O3' SFG F . 0.46 -8.82 20.31
C2' SFG F . -0.71 -7.94 18.31
O2' SFG F . -1.22 -9.16 18.32
C1' SFG F . -1.68 -6.92 19.01
N9 SFG F . -2.75 -6.41 18.15
C8 SFG F . -2.69 -6.21 16.87
N7 SFG F . -3.84 -5.71 16.46
C5 SFG F . -4.65 -5.58 17.52
C6 SFG F . -5.98 -5.13 17.71
N6 SFG F . -6.77 -4.65 16.61
N1 SFG F . -6.48 -5.15 18.94
C2 SFG F . -5.77 -5.58 19.98
N3 SFG F . -4.54 -6.02 19.84
C4 SFG F . -3.95 -6.03 18.61
#